data_9G67
#
_entry.id   9G67
#
_cell.length_a   78.233
_cell.length_b   91.687
_cell.length_c   106.283
_cell.angle_alpha   90.000
_cell.angle_beta   90.000
_cell.angle_gamma   90.000
#
_symmetry.space_group_name_H-M   'P 21 21 21'
#
loop_
_entity.id
_entity.type
_entity.pdbx_description
1 polymer 'L-asparaginase II protein'
2 non-polymer 1,2-ETHANEDIOL
3 non-polymer ASPARAGINE
4 non-polymer 'CHLORIDE ION'
5 non-polymer 'CADMIUM ION'
6 water water
#
_entity_poly.entity_id   1
_entity_poly.type   'polypeptide(L)'
_entity_poly.pdbx_seq_one_letter_code
;GIDPFTMTPSEDFVVTDRGGIVENSHRVHAAVVDAKGRLLYALGNPTRMTLARSAAKPAQALAILETEGVAGYGFDDADI
ALMCASHSSEDRHIARTRAMLSKIKAEEADLRCGGHPSLSEMVNRSWIKQDFIPTAVCSNCSGHHVGMLAGARAIGAGTD
GYHLPDHPMQGRVKRTVAELCDLDAGDVEWGTDGCNLPTPAFPLDRLGRIYAKLASAADGSDAGEGQSTRCAALAHIFRA
MARHPEMVAGEGRYCTMLMRAFDGALVGKLGADASYAIGVRASDATRQLGTDGALGISVKIEDGNLEMLYAVVTELLERL
GIGSPDVRSQLASFHHPQRVNTMGVTTGGVSFPFKLRGSKSNVDDPRLAAVAR
;
_entity_poly.pdbx_strand_id   A,B
#
loop_
_chem_comp.id
_chem_comp.type
_chem_comp.name
_chem_comp.formula
CD non-polymer 'CADMIUM ION' 'Cd 2'
CL non-polymer 'CHLORIDE ION' 'Cl -1'
EDO non-polymer 1,2-ETHANEDIOL 'C2 H6 O2'
#
# COMPACT_ATOMS: atom_id res chain seq x y z
N THR A 8 -9.25 -26.66 -4.07
CA THR A 8 -7.93 -26.09 -3.78
C THR A 8 -7.78 -24.71 -4.48
N PRO A 9 -7.63 -23.64 -3.69
CA PRO A 9 -7.68 -22.28 -4.24
C PRO A 9 -6.68 -22.06 -5.37
N SER A 10 -7.11 -21.31 -6.38
CA SER A 10 -6.27 -21.02 -7.51
C SER A 10 -5.51 -19.71 -7.28
N GLU A 11 -4.61 -19.40 -8.20
CA GLU A 11 -3.73 -18.24 -8.08
C GLU A 11 -4.32 -17.08 -8.87
N ASP A 12 -5.08 -16.21 -8.18
CA ASP A 12 -5.81 -15.13 -8.84
C ASP A 12 -5.23 -13.78 -8.43
N PHE A 13 -4.77 -13.01 -9.41
CA PHE A 13 -4.04 -11.77 -9.20
C PHE A 13 -4.66 -10.62 -9.97
N VAL A 14 -4.57 -9.41 -9.40
CA VAL A 14 -4.69 -8.17 -10.16
C VAL A 14 -3.27 -7.64 -10.32
N VAL A 15 -2.92 -7.21 -11.53
CA VAL A 15 -1.52 -6.95 -11.88
C VAL A 15 -1.44 -5.54 -12.42
N THR A 16 -0.46 -4.76 -11.95
CA THR A 16 -0.21 -3.47 -12.55
C THR A 16 1.08 -3.52 -13.35
N ASP A 17 1.12 -2.77 -14.45
CA ASP A 17 2.25 -2.82 -15.36
C ASP A 17 2.73 -1.40 -15.66
N ARG A 18 4.00 -1.31 -16.04
CA ARG A 18 4.56 -0.09 -16.59
C ARG A 18 5.05 -0.47 -17.98
N GLY A 19 4.32 -0.04 -19.00
CA GLY A 19 4.75 -0.33 -20.36
C GLY A 19 4.72 -1.79 -20.72
N GLY A 20 3.76 -2.56 -20.19
CA GLY A 20 3.72 -4.00 -20.35
C GLY A 20 4.61 -4.78 -19.38
N ILE A 21 5.52 -4.13 -18.67
CA ILE A 21 6.40 -4.79 -17.72
C ILE A 21 5.70 -4.83 -16.35
N VAL A 22 5.64 -6.01 -15.73
CA VAL A 22 4.94 -6.13 -14.44
C VAL A 22 5.58 -5.23 -13.39
N GLU A 23 4.75 -4.40 -12.77
CA GLU A 23 5.17 -3.57 -11.65
C GLU A 23 4.89 -4.34 -10.36
N ASN A 24 3.60 -4.43 -9.98
CA ASN A 24 3.15 -5.07 -8.73
C ASN A 24 2.09 -6.10 -9.05
N SER A 25 1.94 -7.09 -8.18
CA SER A 25 0.80 -7.97 -8.31
C SER A 25 0.21 -8.22 -6.92
N HIS A 26 -1.10 -8.42 -6.88
CA HIS A 26 -1.89 -8.47 -5.65
C HIS A 26 -2.81 -9.69 -5.69
N ARG A 27 -2.72 -10.55 -4.68
CA ARG A 27 -3.55 -11.75 -4.65
C ARG A 27 -4.97 -11.38 -4.22
N VAL A 28 -5.98 -11.88 -4.94
CA VAL A 28 -7.39 -11.55 -4.69
C VAL A 28 -8.06 -12.80 -4.13
N HIS A 29 -8.87 -12.62 -3.08
CA HIS A 29 -9.81 -13.60 -2.58
C HIS A 29 -11.21 -13.03 -2.70
N ALA A 30 -12.16 -13.82 -3.20
CA ALA A 30 -13.52 -13.33 -3.35
C ALA A 30 -14.46 -14.50 -3.16
N ALA A 31 -15.64 -14.22 -2.57
CA ALA A 31 -16.73 -15.17 -2.40
C ALA A 31 -18.00 -14.51 -2.91
N VAL A 32 -18.76 -15.24 -3.71
CA VAL A 32 -20.11 -14.84 -4.12
C VAL A 32 -21.06 -15.91 -3.62
N VAL A 33 -22.01 -15.53 -2.77
CA VAL A 33 -22.84 -16.54 -2.10
C VAL A 33 -24.32 -16.19 -2.26
N ASP A 34 -25.15 -17.21 -2.12
CA ASP A 34 -26.58 -16.98 -2.16
C ASP A 34 -27.08 -16.67 -0.74
N ALA A 35 -28.41 -16.49 -0.61
CA ALA A 35 -29.02 -16.00 0.62
C ALA A 35 -28.84 -16.95 1.81
N LYS A 36 -28.66 -18.25 1.55
CA LYS A 36 -28.31 -19.16 2.63
C LYS A 36 -26.81 -19.26 2.85
N GLY A 37 -26.00 -18.65 1.98
CA GLY A 37 -24.57 -18.71 2.11
C GLY A 37 -23.88 -19.77 1.28
N ARG A 38 -24.58 -20.43 0.37
CA ARG A 38 -23.93 -21.40 -0.49
C ARG A 38 -23.03 -20.69 -1.47
N LEU A 39 -21.85 -21.27 -1.70
CA LEU A 39 -20.85 -20.63 -2.54
C LEU A 39 -21.23 -20.78 -4.01
N LEU A 40 -21.35 -19.67 -4.72
CA LEU A 40 -21.70 -19.70 -6.14
C LEU A 40 -20.51 -19.46 -7.06
N TYR A 41 -19.63 -18.52 -6.72
CA TYR A 41 -18.39 -18.27 -7.46
C TYR A 41 -17.29 -17.84 -6.46
N ALA A 42 -16.03 -18.05 -6.87
CA ALA A 42 -14.93 -17.70 -5.98
C ALA A 42 -13.72 -17.27 -6.78
N LEU A 43 -12.89 -16.43 -6.17
CA LEU A 43 -11.48 -16.21 -6.51
C LEU A 43 -10.64 -16.55 -5.29
N GLY A 44 -9.42 -17.05 -5.52
CA GLY A 44 -8.50 -17.21 -4.41
C GLY A 44 -9.06 -18.22 -3.43
N ASN A 45 -8.91 -17.93 -2.14
CA ASN A 45 -9.45 -18.77 -1.08
C ASN A 45 -10.72 -18.12 -0.54
N PRO A 46 -11.92 -18.54 -0.98
CA PRO A 46 -13.14 -17.87 -0.53
C PRO A 46 -13.46 -18.11 0.94
N THR A 47 -12.76 -19.02 1.64
CA THR A 47 -12.98 -19.22 3.07
C THR A 47 -11.82 -18.66 3.90
N ARG A 48 -10.99 -17.78 3.32
CA ARG A 48 -9.86 -17.20 4.03
C ARG A 48 -10.32 -16.57 5.32
N MET A 49 -9.64 -16.91 6.42
CA MET A 49 -9.94 -16.27 7.70
C MET A 49 -9.58 -14.79 7.59
N THR A 50 -10.55 -13.91 7.76
CA THR A 50 -10.35 -12.50 7.40
C THR A 50 -10.93 -11.58 8.45
N LEU A 51 -10.12 -10.64 8.91
CA LEU A 51 -10.64 -9.54 9.71
C LEU A 51 -11.56 -8.66 8.88
N ALA A 52 -12.85 -8.58 9.27
CA ALA A 52 -13.83 -7.83 8.49
C ALA A 52 -13.72 -6.34 8.71
N ARG A 53 -13.18 -5.91 9.87
CA ARG A 53 -12.99 -4.52 10.18
C ARG A 53 -14.34 -3.81 9.98
N SER A 54 -14.37 -2.62 9.38
CA SER A 54 -15.67 -1.95 9.28
C SER A 54 -16.65 -2.59 8.30
N ALA A 55 -16.24 -3.59 7.51
CA ALA A 55 -17.29 -4.29 6.77
C ALA A 55 -18.21 -5.06 7.71
N ALA A 56 -17.82 -5.25 8.97
CA ALA A 56 -18.72 -5.81 9.97
C ALA A 56 -19.59 -4.78 10.67
N LYS A 57 -19.40 -3.48 10.43
CA LYS A 57 -20.24 -2.47 11.09
C LYS A 57 -21.73 -2.70 10.95
N PRO A 58 -22.30 -3.04 9.77
CA PRO A 58 -23.75 -3.27 9.73
C PRO A 58 -24.22 -4.41 10.62
N ALA A 59 -23.43 -5.49 10.75
CA ALA A 59 -23.77 -6.59 11.63
C ALA A 59 -23.70 -6.18 13.09
N GLN A 60 -22.68 -5.40 13.46
CA GLN A 60 -22.58 -4.88 14.82
C GLN A 60 -23.70 -3.91 15.10
N ALA A 61 -24.14 -3.15 14.09
CA ALA A 61 -25.26 -2.23 14.24
C ALA A 61 -26.59 -2.94 14.50
N LEU A 62 -26.72 -4.19 14.02
CA LEU A 62 -27.94 -4.95 14.33
C LEU A 62 -28.06 -5.21 15.83
N ALA A 63 -26.93 -5.43 16.51
CA ALA A 63 -26.98 -5.56 17.97
C ALA A 63 -27.52 -4.28 18.63
N ILE A 64 -27.09 -3.12 18.15
CA ILE A 64 -27.59 -1.86 18.70
C ILE A 64 -29.09 -1.73 18.45
N LEU A 65 -29.54 -1.97 17.21
CA LEU A 65 -30.95 -1.82 16.89
C LEU A 65 -31.81 -2.83 17.64
N GLU A 66 -31.27 -4.01 17.95
CA GLU A 66 -32.06 -4.99 18.70
C GLU A 66 -32.03 -4.77 20.20
N THR A 67 -31.33 -3.73 20.69
CA THR A 67 -31.26 -3.51 22.12
C THR A 67 -32.53 -2.86 22.62
N GLU A 68 -33.08 -3.42 23.71
CA GLU A 68 -34.32 -2.91 24.28
C GLU A 68 -34.20 -1.43 24.62
N GLY A 69 -35.16 -0.63 24.16
CA GLY A 69 -35.18 0.78 24.46
C GLY A 69 -34.50 1.69 23.46
N VAL A 70 -33.62 1.15 22.60
CA VAL A 70 -32.93 2.01 21.64
C VAL A 70 -33.92 2.72 20.71
N ALA A 71 -35.05 2.09 20.41
CA ALA A 71 -36.02 2.75 19.53
C ALA A 71 -36.54 4.06 20.12
N GLY A 72 -36.48 4.23 21.44
CA GLY A 72 -37.03 5.44 22.02
C GLY A 72 -36.21 6.68 21.77
N TYR A 73 -34.94 6.53 21.37
CA TYR A 73 -34.11 7.71 21.12
C TYR A 73 -34.45 8.44 19.83
N GLY A 74 -35.25 7.85 18.93
CA GLY A 74 -35.59 8.54 17.70
C GLY A 74 -34.47 8.69 16.68
N PHE A 75 -33.57 7.71 16.59
CA PHE A 75 -32.59 7.73 15.51
C PHE A 75 -33.28 7.58 14.16
N ASP A 76 -32.81 8.34 13.17
CA ASP A 76 -33.46 8.21 11.87
C ASP A 76 -32.53 7.43 10.95
N ASP A 77 -32.94 7.31 9.69
CA ASP A 77 -32.21 6.47 8.75
C ASP A 77 -30.81 6.99 8.49
N ALA A 78 -30.67 8.31 8.32
CA ALA A 78 -29.34 8.88 8.15
C ALA A 78 -28.47 8.62 9.38
N ASP A 79 -29.06 8.71 10.58
CA ASP A 79 -28.38 8.31 11.81
C ASP A 79 -27.94 6.85 11.74
N ILE A 80 -28.83 5.96 11.30
CA ILE A 80 -28.45 4.55 11.25
C ILE A 80 -27.36 4.34 10.21
N ALA A 81 -27.44 5.08 9.09
CA ALA A 81 -26.39 4.96 8.10
C ALA A 81 -25.06 5.37 8.69
N LEU A 82 -25.05 6.38 9.55
CA LEU A 82 -23.79 6.74 10.22
C LEU A 82 -23.28 5.62 11.12
N MET A 83 -24.17 4.92 11.81
CA MET A 83 -23.76 3.77 12.62
C MET A 83 -23.14 2.66 11.79
N CYS A 84 -23.46 2.58 10.50
CA CYS A 84 -22.87 1.57 9.63
C CYS A 84 -21.64 2.08 8.88
N ALA A 85 -21.05 3.20 9.27
CA ALA A 85 -20.18 3.94 8.38
C ALA A 85 -18.70 3.81 8.74
N SER A 86 -17.85 4.07 7.72
CA SER A 86 -16.45 4.54 7.82
C SER A 86 -16.44 5.87 7.07
N HIS A 87 -16.97 6.89 7.71
CA HIS A 87 -17.20 8.14 7.00
C HIS A 87 -15.90 8.93 6.87
N SER A 88 -15.94 9.96 6.01
CA SER A 88 -14.75 10.73 5.67
C SER A 88 -14.46 11.86 6.64
N SER A 89 -15.18 11.94 7.76
CA SER A 89 -15.06 13.05 8.73
C SER A 89 -15.34 14.40 8.07
N GLU A 90 -16.25 14.43 7.11
CA GLU A 90 -16.73 15.71 6.61
C GLU A 90 -17.46 16.43 7.74
N ASP A 91 -17.57 17.76 7.60
CA ASP A 91 -18.24 18.53 8.64
C ASP A 91 -19.65 18.00 8.88
N ARG A 92 -20.30 17.44 7.84
CA ARG A 92 -21.67 16.94 8.01
C ARG A 92 -21.70 15.62 8.77
N HIS A 93 -20.63 14.83 8.72
CA HIS A 93 -20.54 13.64 9.56
C HIS A 93 -20.30 14.01 11.01
N ILE A 94 -19.47 15.03 11.26
CA ILE A 94 -19.24 15.53 12.62
C ILE A 94 -20.54 16.03 13.21
N ALA A 95 -21.29 16.82 12.44
CA ALA A 95 -22.52 17.40 12.95
C ALA A 95 -23.52 16.32 13.31
N ARG A 96 -23.64 15.28 12.47
CA ARG A 96 -24.58 14.21 12.80
C ARG A 96 -24.12 13.41 14.01
N THR A 97 -22.81 13.24 14.18
CA THR A 97 -22.31 12.58 15.38
C THR A 97 -22.72 13.37 16.61
N ARG A 98 -22.56 14.70 16.58
CA ARG A 98 -22.99 15.51 17.72
C ARG A 98 -24.52 15.49 17.88
N ALA A 99 -25.27 15.49 16.78
CA ALA A 99 -26.72 15.40 16.86
C ALA A 99 -27.16 14.11 17.55
N MET A 100 -26.54 12.98 17.19
CA MET A 100 -26.91 11.70 17.78
C MET A 100 -26.51 11.64 19.26
N LEU A 101 -25.38 12.27 19.62
CA LEU A 101 -25.04 12.38 21.03
C LEU A 101 -26.09 13.17 21.79
N SER A 102 -26.72 14.15 21.13
CA SER A 102 -27.77 14.88 21.84
C SER A 102 -29.01 14.05 22.04
N LYS A 103 -29.33 13.16 21.08
CA LYS A 103 -30.52 12.34 21.25
C LYS A 103 -30.41 11.43 22.46
N ILE A 104 -29.21 10.98 22.81
CA ILE A 104 -29.03 10.08 23.96
C ILE A 104 -28.46 10.81 25.18
N LYS A 105 -28.33 12.14 25.12
CA LYS A 105 -27.91 12.97 26.26
C LYS A 105 -26.50 12.60 26.72
N ALA A 106 -25.62 12.31 25.77
CA ALA A 106 -24.21 12.05 26.01
C ALA A 106 -23.38 13.22 25.50
N GLU A 107 -22.07 13.15 25.69
CA GLU A 107 -21.18 14.16 25.14
C GLU A 107 -19.93 13.50 24.57
N GLU A 108 -19.10 14.31 23.90
CA GLU A 108 -17.95 13.77 23.19
C GLU A 108 -16.97 13.10 24.13
N ALA A 109 -16.85 13.57 25.37
CA ALA A 109 -15.99 12.93 26.35
C ALA A 109 -16.41 11.49 26.64
N ASP A 110 -17.67 11.14 26.37
CA ASP A 110 -18.13 9.77 26.58
C ASP A 110 -17.58 8.81 25.52
N LEU A 111 -17.21 9.32 24.35
CA LEU A 111 -16.69 8.49 23.28
C LEU A 111 -15.35 7.84 23.66
N ARG A 112 -15.16 6.59 23.23
CA ARG A 112 -13.93 5.86 23.50
C ARG A 112 -13.13 5.56 22.24
N CYS A 113 -13.46 6.20 21.13
CA CYS A 113 -12.65 6.18 19.92
C CYS A 113 -11.80 7.43 19.84
N GLY A 114 -10.77 7.38 19.00
CA GLY A 114 -9.81 8.47 18.90
C GLY A 114 -9.78 9.04 17.49
N GLY A 115 -9.35 10.28 17.34
CA GLY A 115 -9.27 10.87 16.02
C GLY A 115 -8.12 10.30 15.21
N HIS A 116 -8.13 10.58 13.91
CA HIS A 116 -7.11 10.07 12.99
C HIS A 116 -7.18 10.87 11.70
N PRO A 117 -6.14 10.82 10.87
CA PRO A 117 -6.21 11.51 9.57
C PRO A 117 -7.42 11.03 8.80
N SER A 118 -8.07 11.95 8.08
CA SER A 118 -9.32 11.61 7.42
C SER A 118 -9.08 10.56 6.32
N LEU A 119 -10.08 9.69 6.13
CA LEU A 119 -10.09 8.77 5.00
C LEU A 119 -10.16 9.49 3.66
N SER A 120 -10.64 10.73 3.63
CA SER A 120 -10.60 11.55 2.42
C SER A 120 -9.34 12.42 2.41
N GLU A 121 -8.54 12.29 1.34
CA GLU A 121 -7.34 13.11 1.18
C GLU A 121 -7.68 14.59 1.14
N MET A 122 -8.76 14.95 0.46
CA MET A 122 -9.14 16.35 0.37
C MET A 122 -9.51 16.93 1.73
N VAL A 123 -10.25 16.16 2.54
CA VAL A 123 -10.61 16.61 3.89
C VAL A 123 -9.35 16.81 4.72
N ASN A 124 -8.43 15.86 4.63
CA ASN A 124 -7.22 15.90 5.46
C ASN A 124 -6.33 17.08 5.08
N ARG A 125 -6.22 17.39 3.79
CA ARG A 125 -5.44 18.57 3.37
C ARG A 125 -6.08 19.85 3.90
N SER A 126 -7.42 19.89 3.90
CA SER A 126 -8.15 21.00 4.52
C SER A 126 -7.81 21.12 6.01
N TRP A 127 -7.79 19.98 6.72
CA TRP A 127 -7.43 19.99 8.13
C TRP A 127 -6.00 20.45 8.35
N ILE A 128 -5.06 19.96 7.52
CA ILE A 128 -3.67 20.32 7.68
C ILE A 128 -3.49 21.81 7.44
N LYS A 129 -4.16 22.34 6.42
CA LYS A 129 -4.10 23.77 6.11
C LYS A 129 -4.55 24.60 7.32
N GLN A 130 -5.45 24.05 8.14
CA GLN A 130 -6.04 24.81 9.25
C GLN A 130 -5.50 24.38 10.61
N ASP A 131 -4.46 23.53 10.64
CA ASP A 131 -3.83 23.09 11.89
C ASP A 131 -4.84 22.39 12.81
N PHE A 132 -5.79 21.67 12.21
CA PHE A 132 -6.86 21.02 12.97
C PHE A 132 -6.40 19.66 13.47
N ILE A 133 -6.55 19.43 14.78
CA ILE A 133 -6.26 18.15 15.39
C ILE A 133 -7.57 17.39 15.54
N PRO A 134 -7.80 16.30 14.79
CA PRO A 134 -9.07 15.57 14.93
C PRO A 134 -9.23 14.98 16.32
N THR A 135 -10.49 14.97 16.80
CA THR A 135 -10.82 14.41 18.12
C THR A 135 -11.74 13.21 17.96
N ALA A 136 -12.21 12.70 19.10
CA ALA A 136 -13.03 11.48 19.09
C ALA A 136 -14.23 11.60 18.16
N VAL A 137 -14.86 12.77 18.12
CA VAL A 137 -16.06 12.95 17.30
C VAL A 137 -15.76 12.88 15.81
N CYS A 138 -14.48 12.96 15.43
CA CYS A 138 -14.09 12.91 14.03
C CYS A 138 -13.78 11.51 13.55
N SER A 139 -13.70 10.55 14.47
CA SER A 139 -13.41 9.17 14.11
C SER A 139 -14.39 8.69 13.05
N ASN A 140 -13.84 7.97 12.06
CA ASN A 140 -14.67 7.45 10.98
C ASN A 140 -15.73 6.49 11.51
N CYS A 141 -15.55 5.99 12.73
CA CYS A 141 -16.49 5.10 13.38
C CYS A 141 -17.28 5.79 14.49
N SER A 142 -17.28 7.13 14.53
CA SER A 142 -17.98 7.85 15.58
C SER A 142 -19.45 7.46 15.68
N GLY A 143 -20.15 7.35 14.55
CA GLY A 143 -21.57 7.03 14.59
C GLY A 143 -21.84 5.67 15.20
N HIS A 144 -20.95 4.72 14.94
CA HIS A 144 -21.03 3.40 15.55
C HIS A 144 -20.84 3.48 17.06
N HIS A 145 -19.84 4.23 17.51
CA HIS A 145 -19.62 4.42 18.93
C HIS A 145 -20.80 5.09 19.62
N VAL A 146 -21.46 6.03 18.92
CA VAL A 146 -22.62 6.66 19.55
C VAL A 146 -23.74 5.64 19.68
N GLY A 147 -23.86 4.76 18.68
CA GLY A 147 -24.81 3.66 18.79
C GLY A 147 -24.52 2.76 19.98
N MET A 148 -23.25 2.41 20.20
CA MET A 148 -22.90 1.57 21.34
C MET A 148 -23.21 2.27 22.65
N LEU A 149 -22.91 3.57 22.74
CA LEU A 149 -23.33 4.33 23.93
C LEU A 149 -24.84 4.25 24.13
N ALA A 150 -25.60 4.39 23.03
CA ALA A 150 -27.06 4.35 23.10
C ALA A 150 -27.55 3.03 23.69
N GLY A 151 -27.03 1.91 23.18
CA GLY A 151 -27.42 0.61 23.72
C GLY A 151 -27.02 0.44 25.19
N ALA A 152 -25.82 0.88 25.54
CA ALA A 152 -25.39 0.85 26.95
C ALA A 152 -26.40 1.57 27.84
N ARG A 153 -26.75 2.82 27.48
CA ARG A 153 -27.69 3.60 28.28
C ARG A 153 -29.08 2.97 28.28
N ALA A 154 -29.50 2.42 27.13
CA ALA A 154 -30.84 1.84 26.99
C ALA A 154 -31.10 0.71 27.99
N ILE A 155 -30.11 -0.17 28.22
CA ILE A 155 -30.33 -1.27 29.18
C ILE A 155 -29.78 -0.91 30.55
N GLY A 156 -29.36 0.33 30.75
CA GLY A 156 -28.87 0.71 32.06
C GLY A 156 -27.52 0.10 32.40
N ALA A 157 -26.74 -0.22 31.37
CA ALA A 157 -25.42 -0.83 31.56
C ALA A 157 -24.35 0.14 32.03
N GLY A 158 -24.54 1.45 31.81
CA GLY A 158 -23.45 2.35 32.14
C GLY A 158 -22.58 2.57 30.92
N THR A 159 -22.20 3.81 30.68
CA THR A 159 -21.49 4.14 29.46
C THR A 159 -19.98 3.99 29.62
N ASP A 160 -19.46 4.05 30.83
CA ASP A 160 -18.05 3.77 31.05
CA ASP A 160 -18.04 3.76 31.06
C ASP A 160 -17.76 2.33 30.64
N GLY A 161 -16.79 2.15 29.74
CA GLY A 161 -16.37 0.83 29.33
C GLY A 161 -17.27 0.11 28.34
N TYR A 162 -18.11 0.85 27.60
CA TYR A 162 -18.99 0.23 26.61
C TYR A 162 -18.19 -0.51 25.55
N HIS A 163 -16.91 -0.19 25.41
CA HIS A 163 -16.06 -0.74 24.38
C HIS A 163 -15.28 -1.96 24.82
N LEU A 164 -15.41 -2.40 26.13
CA LEU A 164 -14.62 -3.51 26.62
C LEU A 164 -15.39 -4.81 26.44
N PRO A 165 -14.69 -5.93 26.27
CA PRO A 165 -15.40 -7.19 25.94
C PRO A 165 -16.34 -7.67 27.03
N ASP A 166 -16.12 -7.30 28.30
CA ASP A 166 -16.98 -7.75 29.38
C ASP A 166 -18.23 -6.88 29.58
N HIS A 167 -18.33 -5.74 28.90
CA HIS A 167 -19.55 -4.94 28.90
C HIS A 167 -20.69 -5.68 28.20
N PRO A 168 -21.91 -5.61 28.73
CA PRO A 168 -23.03 -6.34 28.10
C PRO A 168 -23.24 -6.00 26.63
N MET A 169 -22.96 -4.76 26.21
CA MET A 169 -23.13 -4.42 24.81
C MET A 169 -22.22 -5.24 23.94
N GLN A 170 -20.95 -5.39 24.35
CA GLN A 170 -20.02 -6.23 23.59
C GLN A 170 -20.43 -7.69 23.61
N GLY A 171 -20.97 -8.15 24.72
CA GLY A 171 -21.54 -9.49 24.74
C GLY A 171 -22.61 -9.67 23.69
N ARG A 172 -23.49 -8.67 23.55
CA ARG A 172 -24.53 -8.71 22.51
C ARG A 172 -23.92 -8.66 21.10
N VAL A 173 -22.97 -7.75 20.86
CA VAL A 173 -22.32 -7.70 19.54
C VAL A 173 -21.68 -9.04 19.21
N LYS A 174 -20.92 -9.60 20.16
CA LYS A 174 -20.20 -10.83 19.92
C LYS A 174 -21.17 -11.95 19.52
N ARG A 175 -22.27 -12.06 20.26
CA ARG A 175 -23.26 -13.09 19.97
CA ARG A 175 -23.26 -13.09 19.97
C ARG A 175 -23.93 -12.86 18.62
N THR A 176 -24.19 -11.59 18.27
CA THR A 176 -24.94 -11.27 17.05
C THR A 176 -24.12 -11.52 15.79
N VAL A 177 -22.83 -11.19 15.81
CA VAL A 177 -21.95 -11.47 14.67
C VAL A 177 -21.93 -12.97 14.35
N ALA A 178 -21.75 -13.82 15.37
CA ALA A 178 -21.69 -15.26 15.14
C ALA A 178 -23.02 -15.78 14.59
N GLU A 179 -24.13 -15.29 15.14
CA GLU A 179 -25.45 -15.70 14.64
C GLU A 179 -25.64 -15.34 13.17
N LEU A 180 -25.27 -14.12 12.77
CA LEU A 180 -25.42 -13.73 11.37
C LEU A 180 -24.53 -14.55 10.44
N CYS A 181 -23.34 -14.91 10.91
CA CYS A 181 -22.43 -15.75 10.15
C CYS A 181 -22.85 -17.21 10.14
N ASP A 182 -23.81 -17.59 10.99
CA ASP A 182 -24.16 -19.00 11.23
C ASP A 182 -22.94 -19.80 11.69
N LEU A 183 -22.20 -19.24 12.66
CA LEU A 183 -21.01 -19.84 13.22
C LEU A 183 -21.16 -20.03 14.73
N ASP A 184 -20.45 -21.01 15.27
CA ASP A 184 -20.34 -21.09 16.72
C ASP A 184 -19.43 -19.99 17.24
N ALA A 185 -19.64 -19.61 18.51
CA ALA A 185 -18.83 -18.55 19.13
C ALA A 185 -17.33 -18.79 18.92
N GLY A 186 -16.87 -20.01 19.12
CA GLY A 186 -15.43 -20.20 18.96
C GLY A 186 -14.94 -20.22 17.54
N ASP A 187 -15.81 -20.08 16.55
CA ASP A 187 -15.34 -19.99 15.17
C ASP A 187 -15.19 -18.56 14.71
N VAL A 188 -15.41 -17.58 15.58
CA VAL A 188 -15.17 -16.17 15.29
C VAL A 188 -14.07 -15.68 16.22
N GLU A 189 -13.01 -15.13 15.64
CA GLU A 189 -11.88 -14.68 16.45
C GLU A 189 -11.94 -13.16 16.56
N TRP A 190 -11.37 -12.62 17.62
CA TRP A 190 -11.57 -11.20 17.92
C TRP A 190 -10.23 -10.54 18.18
N GLY A 191 -10.01 -9.37 17.57
CA GLY A 191 -8.86 -8.55 17.93
C GLY A 191 -9.36 -7.20 18.40
N THR A 192 -8.49 -6.19 18.41
CA THR A 192 -8.88 -4.83 18.76
C THR A 192 -8.73 -3.90 17.55
N ASP A 193 -9.77 -3.11 17.28
CA ASP A 193 -9.82 -2.26 16.08
C ASP A 193 -9.06 -0.95 16.27
N GLY A 194 -8.87 -0.21 15.16
CA GLY A 194 -8.24 1.11 15.27
C GLY A 194 -9.03 2.05 16.16
N CYS A 195 -10.35 1.87 16.22
CA CYS A 195 -11.22 2.70 17.03
C CYS A 195 -11.36 2.19 18.46
N ASN A 196 -10.63 1.14 18.82
CA ASN A 196 -10.49 0.62 20.18
C ASN A 196 -11.64 -0.28 20.62
N LEU A 197 -12.56 -0.67 19.69
CA LEU A 197 -13.59 -1.69 19.93
C LEU A 197 -13.09 -3.08 19.56
N PRO A 198 -13.70 -4.15 20.06
CA PRO A 198 -13.37 -5.49 19.53
C PRO A 198 -13.83 -5.60 18.08
N THR A 199 -13.11 -6.41 17.32
CA THR A 199 -13.38 -6.49 15.89
C THR A 199 -13.22 -7.95 15.47
N PRO A 200 -14.14 -8.49 14.69
CA PRO A 200 -14.15 -9.95 14.43
C PRO A 200 -13.38 -10.38 13.19
N ALA A 201 -12.92 -11.63 13.23
CA ALA A 201 -12.35 -12.30 12.06
C ALA A 201 -13.12 -13.61 11.87
N PHE A 202 -13.53 -13.89 10.62
CA PHE A 202 -14.24 -15.12 10.27
C PHE A 202 -13.98 -15.43 8.80
N PRO A 203 -14.35 -16.62 8.34
CA PRO A 203 -14.13 -16.94 6.92
C PRO A 203 -14.74 -15.90 5.99
N LEU A 204 -14.00 -15.56 4.93
CA LEU A 204 -14.45 -14.53 4.01
C LEU A 204 -15.84 -14.81 3.45
N ASP A 205 -16.17 -16.08 3.20
CA ASP A 205 -17.51 -16.33 2.66
C ASP A 205 -18.64 -15.95 3.64
N ARG A 206 -18.41 -16.05 4.95
CA ARG A 206 -19.43 -15.62 5.90
C ARG A 206 -19.68 -14.12 5.86
N LEU A 207 -18.71 -13.32 5.46
CA LEU A 207 -18.93 -11.89 5.23
C LEU A 207 -19.90 -11.69 4.08
N GLY A 208 -19.68 -12.39 2.98
CA GLY A 208 -20.68 -12.39 1.92
C GLY A 208 -22.04 -12.81 2.44
N ARG A 209 -22.06 -13.82 3.33
CA ARG A 209 -23.33 -14.34 3.83
C ARG A 209 -24.08 -13.26 4.62
N ILE A 210 -23.36 -12.51 5.44
CA ILE A 210 -24.01 -11.41 6.17
C ILE A 210 -24.70 -10.45 5.21
N TYR A 211 -24.03 -10.09 4.13
CA TYR A 211 -24.59 -9.11 3.20
C TYR A 211 -25.68 -9.70 2.32
N ALA A 212 -25.61 -11.00 2.01
CA ALA A 212 -26.74 -11.66 1.36
C ALA A 212 -27.98 -11.60 2.23
N LYS A 213 -27.80 -11.68 3.55
CA LYS A 213 -28.94 -11.64 4.45
C LYS A 213 -29.51 -10.24 4.54
N LEU A 214 -28.64 -9.21 4.53
CA LEU A 214 -29.13 -7.84 4.42
C LEU A 214 -30.01 -7.65 3.20
N ALA A 215 -29.50 -7.98 2.02
CA ALA A 215 -30.29 -7.79 0.81
C ALA A 215 -31.53 -8.66 0.80
N SER A 216 -31.42 -9.88 1.30
CA SER A 216 -32.60 -10.75 1.40
C SER A 216 -33.64 -10.16 2.34
N ALA A 217 -33.22 -9.54 3.43
CA ALA A 217 -34.20 -8.94 4.31
C ALA A 217 -34.89 -7.77 3.62
N ALA A 218 -34.13 -6.97 2.86
CA ALA A 218 -34.75 -5.89 2.09
C ALA A 218 -35.79 -6.42 1.11
N ASP A 219 -35.49 -7.53 0.44
CA ASP A 219 -36.44 -8.15 -0.47
C ASP A 219 -37.72 -8.57 0.25
N GLY A 220 -37.59 -9.21 1.41
CA GLY A 220 -38.77 -9.66 2.14
C GLY A 220 -39.58 -8.50 2.70
N SER A 221 -38.90 -7.46 3.16
CA SER A 221 -39.60 -6.27 3.63
C SER A 221 -40.35 -5.59 2.51
N ASP A 222 -39.70 -5.44 1.35
CA ASP A 222 -40.35 -4.79 0.22
C ASP A 222 -41.56 -5.57 -0.28
N ALA A 223 -41.66 -6.86 0.09
CA ALA A 223 -42.74 -7.72 -0.39
C ALA A 223 -43.81 -8.00 0.68
N GLY A 224 -43.73 -7.38 1.87
CA GLY A 224 -44.75 -7.51 2.90
C GLY A 224 -44.79 -8.83 3.65
N GLU A 225 -43.64 -9.52 3.63
CA GLU A 225 -43.58 -10.92 4.13
C GLU A 225 -43.48 -11.04 5.64
N GLY A 226 -43.82 -12.23 6.14
CA GLY A 226 -43.72 -12.49 7.58
C GLY A 226 -42.27 -12.41 8.04
N GLN A 227 -41.88 -11.26 8.60
CA GLN A 227 -40.46 -11.09 8.96
C GLN A 227 -40.31 -11.02 10.46
N SER A 228 -39.34 -11.75 10.99
CA SER A 228 -39.05 -11.62 12.40
C SER A 228 -38.55 -10.20 12.69
N THR A 229 -38.50 -9.88 13.98
CA THR A 229 -37.89 -8.63 14.39
C THR A 229 -36.48 -8.50 13.83
N ARG A 230 -35.71 -9.61 13.79
CA ARG A 230 -34.35 -9.50 13.26
C ARG A 230 -34.35 -9.20 11.77
N CYS A 231 -35.19 -9.90 10.99
CA CYS A 231 -35.22 -9.60 9.57
C CYS A 231 -35.68 -8.18 9.33
N ALA A 232 -36.63 -7.70 10.13
CA ALA A 232 -37.11 -6.32 9.99
C ALA A 232 -35.98 -5.32 10.21
N ALA A 233 -35.14 -5.57 11.21
CA ALA A 233 -34.03 -4.67 11.46
C ALA A 233 -32.95 -4.79 10.39
N LEU A 234 -32.71 -6.00 9.86
CA LEU A 234 -31.75 -6.12 8.77
C LEU A 234 -32.23 -5.32 7.56
N ALA A 235 -33.52 -5.40 7.27
CA ALA A 235 -34.11 -4.61 6.20
C ALA A 235 -33.93 -3.12 6.47
N HIS A 236 -34.08 -2.70 7.72
CA HIS A 236 -33.91 -1.29 8.02
C HIS A 236 -32.48 -0.84 7.77
N ILE A 237 -31.51 -1.66 8.18
CA ILE A 237 -30.11 -1.33 7.96
C ILE A 237 -29.84 -1.20 6.46
N PHE A 238 -30.32 -2.14 5.66
CA PHE A 238 -30.10 -2.04 4.22
C PHE A 238 -30.73 -0.75 3.67
N ARG A 239 -31.98 -0.46 4.02
CA ARG A 239 -32.64 0.76 3.54
CA ARG A 239 -32.63 0.75 3.52
C ARG A 239 -31.89 2.02 3.97
N ALA A 240 -31.43 2.06 5.22
CA ALA A 240 -30.71 3.26 5.69
C ALA A 240 -29.43 3.49 4.91
N MET A 241 -28.65 2.43 4.65
CA MET A 241 -27.42 2.61 3.89
C MET A 241 -27.69 3.02 2.45
N ALA A 242 -28.65 2.37 1.81
CA ALA A 242 -28.92 2.67 0.41
C ALA A 242 -29.48 4.08 0.24
N ARG A 243 -30.24 4.55 1.22
CA ARG A 243 -30.86 5.87 1.14
C ARG A 243 -29.93 7.00 1.58
N HIS A 244 -28.93 6.72 2.42
CA HIS A 244 -27.97 7.74 2.84
C HIS A 244 -26.54 7.26 2.63
N PRO A 245 -26.17 6.93 1.38
CA PRO A 245 -24.82 6.40 1.15
C PRO A 245 -23.71 7.39 1.47
N GLU A 246 -24.01 8.69 1.49
CA GLU A 246 -22.96 9.65 1.82
C GLU A 246 -22.64 9.62 3.30
N MET A 247 -23.57 9.16 4.14
CA MET A 247 -23.22 8.96 5.55
C MET A 247 -22.35 7.71 5.71
N VAL A 248 -22.53 6.71 4.85
CA VAL A 248 -21.74 5.49 4.99
C VAL A 248 -20.28 5.77 4.64
N ALA A 249 -19.99 6.78 3.83
CA ALA A 249 -18.62 7.10 3.46
C ALA A 249 -18.45 8.59 3.26
N GLY A 250 -18.72 9.09 2.06
CA GLY A 250 -18.68 10.52 1.83
C GLY A 250 -18.49 10.84 0.35
N GLU A 251 -18.28 12.11 0.08
CA GLU A 251 -18.17 12.58 -1.29
C GLU A 251 -16.94 11.96 -1.97
N GLY A 252 -17.12 11.43 -3.17
CA GLY A 252 -16.00 10.85 -3.89
C GLY A 252 -15.57 9.48 -3.43
N ARG A 253 -16.17 8.94 -2.37
CA ARG A 253 -15.77 7.66 -1.84
C ARG A 253 -16.44 6.52 -2.64
N TYR A 254 -15.71 5.41 -2.78
CA TYR A 254 -16.22 4.30 -3.57
C TYR A 254 -17.58 3.82 -3.09
N CYS A 255 -17.76 3.63 -1.77
CA CYS A 255 -19.03 3.07 -1.30
C CYS A 255 -20.17 4.02 -1.61
N THR A 256 -19.93 5.32 -1.47
CA THR A 256 -20.99 6.29 -1.75
C THR A 256 -21.35 6.31 -3.22
N MET A 257 -20.33 6.22 -4.07
CA MET A 257 -20.59 6.32 -5.49
C MET A 257 -21.15 5.02 -6.02
N LEU A 258 -20.67 3.89 -5.51
CA LEU A 258 -21.27 2.61 -5.84
C LEU A 258 -22.75 2.59 -5.48
N MET A 259 -23.09 3.02 -4.26
CA MET A 259 -24.49 2.88 -3.86
C MET A 259 -25.38 3.87 -4.61
N ARG A 260 -24.90 5.10 -4.83
CA ARG A 260 -25.65 6.05 -5.63
C ARG A 260 -25.89 5.51 -7.03
N ALA A 261 -24.86 4.97 -7.66
CA ALA A 261 -24.98 4.43 -9.02
C ALA A 261 -26.08 3.39 -9.10
N PHE A 262 -26.17 2.53 -8.08
CA PHE A 262 -27.13 1.42 -8.09
C PHE A 262 -28.50 1.78 -7.55
N ASP A 263 -28.64 2.88 -6.81
CA ASP A 263 -29.94 3.48 -6.55
C ASP A 263 -30.90 2.52 -5.83
N GLY A 264 -30.36 1.73 -4.91
CA GLY A 264 -31.15 0.86 -4.08
C GLY A 264 -31.04 -0.62 -4.40
N ALA A 265 -30.38 -0.98 -5.49
CA ALA A 265 -30.32 -2.39 -5.85
C ALA A 265 -29.29 -3.17 -5.05
N LEU A 266 -28.38 -2.50 -4.35
CA LEU A 266 -27.37 -3.17 -3.53
C LEU A 266 -26.85 -2.20 -2.49
N VAL A 267 -26.18 -2.74 -1.48
CA VAL A 267 -25.37 -1.92 -0.58
C VAL A 267 -23.96 -2.48 -0.61
N GLY A 268 -22.99 -1.61 -0.32
CA GLY A 268 -21.60 -2.02 -0.26
C GLY A 268 -20.91 -1.30 0.87
N LYS A 269 -19.82 -1.88 1.34
CA LYS A 269 -19.17 -1.35 2.54
C LYS A 269 -17.70 -1.76 2.53
N LEU A 270 -16.82 -0.81 2.81
CA LEU A 270 -15.38 -1.03 2.90
C LEU A 270 -14.95 -1.52 4.28
N GLY A 271 -14.00 -2.46 4.29
CA GLY A 271 -13.25 -2.80 5.49
C GLY A 271 -11.81 -2.35 5.34
N ALA A 272 -11.28 -1.70 6.38
CA ALA A 272 -9.88 -1.31 6.37
C ALA A 272 -8.97 -2.50 6.08
N ASP A 273 -7.81 -2.18 5.48
CA ASP A 273 -6.87 -3.17 4.94
C ASP A 273 -7.49 -4.02 3.83
N ALA A 274 -8.40 -3.39 3.10
CA ALA A 274 -8.86 -3.84 1.78
C ALA A 274 -9.72 -5.11 1.80
N SER A 275 -10.73 -5.11 2.64
CA SER A 275 -11.89 -5.99 2.49
CA SER A 275 -11.87 -6.00 2.43
C SER A 275 -13.05 -5.20 1.90
N TYR A 276 -13.98 -5.90 1.27
CA TYR A 276 -15.18 -5.25 0.73
C TYR A 276 -16.36 -6.21 0.77
N ALA A 277 -17.56 -5.69 1.06
CA ALA A 277 -18.74 -6.54 1.06
C ALA A 277 -19.88 -5.86 0.31
N ILE A 278 -20.64 -6.65 -0.46
CA ILE A 278 -21.83 -6.18 -1.18
C ILE A 278 -23.00 -7.12 -0.96
N GLY A 279 -24.17 -6.57 -0.67
CA GLY A 279 -25.41 -7.31 -0.62
C GLY A 279 -26.27 -6.87 -1.78
N VAL A 280 -26.63 -7.80 -2.67
CA VAL A 280 -27.33 -7.49 -3.92
C VAL A 280 -28.75 -8.03 -3.84
N ARG A 281 -29.72 -7.15 -4.01
CA ARG A 281 -31.13 -7.55 -4.01
C ARG A 281 -31.44 -8.41 -5.24
N ALA A 282 -32.44 -9.29 -5.11
CA ALA A 282 -32.84 -10.16 -6.20
C ALA A 282 -33.13 -9.34 -7.46
N SER A 283 -32.60 -9.79 -8.59
CA SER A 283 -32.69 -9.05 -9.85
C SER A 283 -32.58 -9.99 -11.03
N ASP A 284 -32.68 -9.42 -12.22
CA ASP A 284 -32.48 -10.22 -13.45
C ASP A 284 -31.04 -10.73 -13.42
N ALA A 285 -30.12 -9.87 -12.97
CA ALA A 285 -28.69 -10.25 -12.87
C ALA A 285 -28.52 -11.46 -11.95
N THR A 286 -29.09 -11.39 -10.76
CA THR A 286 -28.89 -12.51 -9.84
C THR A 286 -29.55 -13.78 -10.35
N ARG A 287 -30.71 -13.66 -11.01
CA ARG A 287 -31.37 -14.84 -11.56
CA ARG A 287 -31.40 -14.81 -11.61
C ARG A 287 -30.52 -15.47 -12.67
N GLN A 288 -29.89 -14.64 -13.53
CA GLN A 288 -28.99 -15.19 -14.53
C GLN A 288 -27.81 -15.90 -13.90
N LEU A 289 -27.37 -15.45 -12.71
CA LEU A 289 -26.26 -16.09 -12.03
C LEU A 289 -26.66 -17.42 -11.41
N GLY A 290 -27.95 -17.77 -11.48
CA GLY A 290 -28.42 -19.08 -11.08
C GLY A 290 -29.08 -19.17 -9.73
N THR A 291 -29.39 -18.05 -9.08
CA THR A 291 -30.02 -18.08 -7.77
C THR A 291 -31.33 -17.33 -7.79
N ASP A 292 -32.26 -17.74 -6.93
CA ASP A 292 -33.58 -17.14 -6.98
C ASP A 292 -33.80 -16.11 -5.87
N GLY A 293 -32.76 -15.79 -5.09
CA GLY A 293 -32.92 -14.79 -4.07
C GLY A 293 -31.82 -13.77 -4.15
N ALA A 294 -31.53 -13.15 -3.01
CA ALA A 294 -30.47 -12.13 -2.96
C ALA A 294 -29.10 -12.78 -3.04
N LEU A 295 -28.06 -11.95 -3.13
CA LEU A 295 -26.70 -12.48 -3.32
C LEU A 295 -25.74 -11.63 -2.49
N GLY A 296 -24.69 -12.28 -1.99
CA GLY A 296 -23.64 -11.56 -1.26
C GLY A 296 -22.29 -11.71 -1.93
N ILE A 297 -21.49 -10.64 -1.87
CA ILE A 297 -20.15 -10.62 -2.48
C ILE A 297 -19.18 -10.14 -1.41
N SER A 298 -18.09 -10.89 -1.18
CA SER A 298 -17.04 -10.40 -0.31
C SER A 298 -15.69 -10.59 -0.95
N VAL A 299 -14.77 -9.67 -0.66
CA VAL A 299 -13.49 -9.54 -1.36
C VAL A 299 -12.42 -9.12 -0.36
N LYS A 300 -11.23 -9.71 -0.48
CA LYS A 300 -10.06 -9.32 0.32
C LYS A 300 -8.87 -9.29 -0.62
N ILE A 301 -8.13 -8.18 -0.65
CA ILE A 301 -6.83 -8.11 -1.31
C ILE A 301 -5.81 -8.51 -0.25
N GLU A 302 -5.07 -9.60 -0.52
CA GLU A 302 -4.18 -10.20 0.48
C GLU A 302 -3.21 -9.21 1.10
N ASP A 303 -2.62 -8.30 0.30
CA ASP A 303 -1.63 -7.36 0.81
C ASP A 303 -2.22 -6.05 1.32
N GLY A 304 -3.53 -5.86 1.20
CA GLY A 304 -4.21 -4.73 1.83
C GLY A 304 -4.32 -3.47 0.98
N ASN A 305 -4.06 -3.55 -0.34
CA ASN A 305 -4.06 -2.35 -1.19
C ASN A 305 -5.49 -1.94 -1.59
N LEU A 306 -5.89 -0.70 -1.26
CA LEU A 306 -7.27 -0.27 -1.49
C LEU A 306 -7.54 0.11 -2.94
N GLU A 307 -6.61 0.81 -3.59
CA GLU A 307 -6.78 1.08 -5.01
C GLU A 307 -7.10 -0.20 -5.76
N MET A 308 -6.36 -1.26 -5.45
CA MET A 308 -6.57 -2.52 -6.15
C MET A 308 -7.90 -3.15 -5.77
N LEU A 309 -8.29 -3.06 -4.49
CA LEU A 309 -9.62 -3.53 -4.07
C LEU A 309 -10.74 -2.97 -4.96
N TYR A 310 -10.80 -1.65 -5.11
CA TYR A 310 -11.89 -1.02 -5.83
C TYR A 310 -11.87 -1.42 -7.30
N ALA A 311 -10.68 -1.55 -7.87
CA ALA A 311 -10.56 -2.02 -9.24
C ALA A 311 -11.16 -3.42 -9.38
N VAL A 312 -10.80 -4.34 -8.48
CA VAL A 312 -11.26 -5.74 -8.53
CA VAL A 312 -11.26 -5.72 -8.62
C VAL A 312 -12.75 -5.83 -8.30
N VAL A 313 -13.27 -5.08 -7.31
CA VAL A 313 -14.72 -5.15 -7.05
CA VAL A 313 -14.71 -5.18 -7.07
C VAL A 313 -15.50 -4.71 -8.29
N THR A 314 -15.07 -3.62 -8.93
CA THR A 314 -15.78 -3.18 -10.13
C THR A 314 -15.62 -4.17 -11.29
N GLU A 315 -14.44 -4.77 -11.44
CA GLU A 315 -14.27 -5.79 -12.47
C GLU A 315 -15.18 -6.98 -12.18
N LEU A 316 -15.36 -7.30 -10.90
CA LEU A 316 -16.24 -8.40 -10.49
C LEU A 316 -17.69 -8.10 -10.79
N LEU A 317 -18.15 -6.88 -10.49
CA LEU A 317 -19.50 -6.50 -10.87
C LEU A 317 -19.69 -6.66 -12.38
N GLU A 318 -18.71 -6.25 -13.19
CA GLU A 318 -18.79 -6.43 -14.64
C GLU A 318 -18.83 -7.90 -15.02
N ARG A 319 -17.92 -8.72 -14.48
CA ARG A 319 -17.98 -10.13 -14.81
C ARG A 319 -19.34 -10.72 -14.45
N LEU A 320 -19.89 -10.33 -13.28
CA LEU A 320 -21.15 -10.90 -12.79
C LEU A 320 -22.37 -10.30 -13.49
N GLY A 321 -22.17 -9.30 -14.34
CA GLY A 321 -23.30 -8.69 -14.99
C GLY A 321 -24.22 -7.95 -14.04
N ILE A 322 -23.71 -7.55 -12.88
CA ILE A 322 -24.54 -6.84 -11.90
C ILE A 322 -24.55 -5.37 -12.27
N GLY A 323 -25.73 -4.86 -12.59
CA GLY A 323 -25.88 -3.50 -13.05
C GLY A 323 -25.96 -3.42 -14.57
N SER A 324 -26.29 -2.25 -15.05
CA SER A 324 -26.13 -2.09 -16.49
C SER A 324 -24.72 -1.62 -16.78
N PRO A 325 -24.28 -1.68 -18.05
CA PRO A 325 -23.04 -0.99 -18.41
C PRO A 325 -23.06 0.50 -18.09
N ASP A 326 -24.19 1.18 -18.30
CA ASP A 326 -24.30 2.59 -17.96
C ASP A 326 -24.12 2.81 -16.46
N VAL A 327 -24.71 1.95 -15.64
CA VAL A 327 -24.57 2.13 -14.20
C VAL A 327 -23.12 1.98 -13.77
N ARG A 328 -22.46 0.93 -14.25
CA ARG A 328 -21.10 0.67 -13.80
C ARG A 328 -20.09 1.68 -14.35
N SER A 329 -20.36 2.29 -15.51
CA SER A 329 -19.45 3.30 -16.04
C SER A 329 -19.29 4.49 -15.10
N GLN A 330 -20.23 4.68 -14.19
CA GLN A 330 -20.03 5.66 -13.10
C GLN A 330 -18.82 5.32 -12.23
N LEU A 331 -18.36 4.07 -12.20
CA LEU A 331 -17.19 3.71 -11.40
C LEU A 331 -15.93 3.51 -12.24
N ALA A 332 -15.92 4.02 -13.47
CA ALA A 332 -14.80 3.81 -14.39
C ALA A 332 -13.45 4.27 -13.84
N SER A 333 -13.43 5.35 -13.04
CA SER A 333 -12.17 5.83 -12.49
CA SER A 333 -12.14 5.79 -12.53
C SER A 333 -11.59 4.84 -11.47
N PHE A 334 -12.44 4.06 -10.80
CA PHE A 334 -11.97 3.05 -9.87
C PHE A 334 -11.62 1.77 -10.59
N HIS A 335 -12.35 1.48 -11.66
CA HIS A 335 -12.20 0.20 -12.34
C HIS A 335 -10.81 0.08 -12.97
N HIS A 336 -10.33 1.16 -13.57
CA HIS A 336 -9.05 1.20 -14.27
C HIS A 336 -8.34 2.44 -13.77
N PRO A 337 -7.67 2.36 -12.61
CA PRO A 337 -7.05 3.55 -12.02
C PRO A 337 -6.07 4.19 -12.99
N GLN A 338 -5.97 5.51 -12.90
CA GLN A 338 -5.07 6.27 -13.74
C GLN A 338 -3.62 5.85 -13.51
N ARG A 339 -2.86 5.77 -14.60
CA ARG A 339 -1.42 5.48 -14.54
C ARG A 339 -0.73 6.51 -15.42
N VAL A 340 -0.63 7.73 -14.90
CA VAL A 340 -0.16 8.88 -15.67
C VAL A 340 0.93 9.60 -14.90
N ASN A 341 2.05 9.90 -15.55
CA ASN A 341 3.20 10.38 -14.81
C ASN A 341 3.08 11.88 -14.59
N THR A 342 4.09 12.48 -13.94
CA THR A 342 4.07 13.91 -13.60
C THR A 342 4.04 14.85 -14.81
N MET A 343 4.18 14.32 -16.03
CA MET A 343 4.12 15.13 -17.24
C MET A 343 2.92 14.76 -18.12
N GLY A 344 1.93 14.09 -17.54
CA GLY A 344 0.70 13.76 -18.23
C GLY A 344 0.78 12.58 -19.19
N VAL A 345 1.81 11.75 -19.13
CA VAL A 345 2.01 10.64 -20.06
C VAL A 345 1.50 9.36 -19.43
N THR A 346 0.78 8.54 -20.20
CA THR A 346 0.25 7.29 -19.68
C THR A 346 1.37 6.25 -19.63
N THR A 347 1.71 5.77 -18.44
CA THR A 347 2.85 4.91 -18.29
C THR A 347 2.50 3.44 -18.08
N GLY A 348 1.25 3.08 -17.80
CA GLY A 348 0.96 1.70 -17.50
C GLY A 348 -0.50 1.49 -17.25
N GLY A 349 -0.83 0.38 -16.59
CA GLY A 349 -2.23 0.08 -16.36
C GLY A 349 -2.43 -1.05 -15.37
N VAL A 350 -3.68 -1.50 -15.32
CA VAL A 350 -4.15 -2.55 -14.42
CA VAL A 350 -4.14 -2.56 -14.43
C VAL A 350 -4.78 -3.66 -15.27
N SER A 351 -4.52 -4.89 -14.89
CA SER A 351 -5.06 -6.05 -15.59
C SER A 351 -5.63 -7.03 -14.57
N PHE A 352 -6.53 -7.87 -15.04
CA PHE A 352 -7.25 -8.82 -14.21
C PHE A 352 -7.12 -10.23 -14.77
N PRO A 353 -5.93 -10.80 -14.73
CA PRO A 353 -5.70 -12.12 -15.36
C PRO A 353 -6.25 -13.30 -14.56
N PHE A 354 -7.46 -13.18 -14.03
CA PHE A 354 -8.06 -14.29 -13.31
C PHE A 354 -9.41 -14.66 -13.93
N LYS A 355 -9.91 -15.82 -13.50
CA LYS A 355 -11.19 -16.34 -13.95
C LYS A 355 -12.02 -16.68 -12.73
N LEU A 356 -13.28 -16.26 -12.72
CA LEU A 356 -14.17 -16.68 -11.64
C LEU A 356 -14.41 -18.17 -11.78
N ARG A 357 -14.27 -18.89 -10.68
CA ARG A 357 -14.58 -20.32 -10.71
C ARG A 357 -15.98 -20.53 -10.16
N GLY A 358 -16.73 -21.43 -10.78
CA GLY A 358 -18.06 -21.78 -10.28
C GLY A 358 -18.03 -23.20 -9.72
N ASP B 3 5.01 -27.82 8.62
CA ASP B 3 6.26 -28.58 8.56
C ASP B 3 7.45 -27.71 8.08
N PRO B 4 8.45 -27.52 8.95
CA PRO B 4 9.59 -26.65 8.60
C PRO B 4 10.63 -27.31 7.71
N PHE B 5 10.50 -28.60 7.43
CA PHE B 5 11.48 -29.32 6.63
C PHE B 5 11.05 -29.41 5.16
N THR B 6 9.98 -28.71 4.78
CA THR B 6 9.54 -28.58 3.40
C THR B 6 9.16 -27.13 3.09
N MET B 7 9.84 -26.17 3.72
CA MET B 7 9.59 -24.76 3.44
C MET B 7 10.14 -24.40 2.07
N THR B 8 9.45 -23.48 1.38
CA THR B 8 9.73 -23.19 -0.01
C THR B 8 9.82 -21.68 -0.27
N PRO B 9 10.55 -21.26 -1.34
CA PRO B 9 10.55 -19.84 -1.72
C PRO B 9 9.17 -19.18 -1.78
N SER B 10 8.15 -19.91 -2.26
CA SER B 10 6.82 -19.34 -2.37
C SER B 10 6.21 -19.02 -1.01
N GLU B 11 6.86 -19.41 0.08
CA GLU B 11 6.39 -19.11 1.43
C GLU B 11 7.16 -17.97 2.08
N ASP B 12 7.87 -17.16 1.28
CA ASP B 12 8.69 -16.09 1.83
C ASP B 12 7.82 -14.84 1.96
N PHE B 13 7.30 -14.59 3.16
CA PHE B 13 6.33 -13.54 3.38
C PHE B 13 6.76 -12.63 4.50
N VAL B 14 6.26 -11.40 4.46
CA VAL B 14 6.22 -10.53 5.63
C VAL B 14 4.75 -10.29 5.93
N VAL B 15 4.35 -10.46 7.19
CA VAL B 15 2.95 -10.57 7.58
C VAL B 15 2.68 -9.58 8.71
N THR B 16 1.54 -8.87 8.65
CA THR B 16 1.10 -8.10 9.80
C THR B 16 -0.09 -8.80 10.43
N ASP B 17 -0.23 -8.63 11.74
CA ASP B 17 -1.32 -9.25 12.45
C ASP B 17 -2.04 -8.25 13.32
N ARG B 18 -3.25 -8.64 13.69
CA ARG B 18 -4.02 -7.92 14.70
C ARG B 18 -4.36 -8.95 15.78
N GLY B 19 -3.74 -8.81 16.96
CA GLY B 19 -4.01 -9.77 18.02
C GLY B 19 -3.67 -11.19 17.64
N GLY B 20 -2.69 -11.38 16.78
CA GLY B 20 -2.33 -12.70 16.34
C GLY B 20 -3.10 -13.19 15.12
N ILE B 21 -4.16 -12.48 14.70
CA ILE B 21 -4.91 -12.84 13.51
C ILE B 21 -4.27 -12.16 12.30
N VAL B 22 -4.00 -12.93 11.23
CA VAL B 22 -3.33 -12.36 10.06
C VAL B 22 -4.18 -11.26 9.43
N GLU B 23 -3.56 -10.10 9.19
CA GLU B 23 -4.22 -8.97 8.58
C GLU B 23 -3.89 -9.00 7.10
N ASN B 24 -2.64 -8.67 6.78
CA ASN B 24 -2.12 -8.65 5.41
C ASN B 24 -0.89 -9.53 5.33
N SER B 25 -0.60 -10.07 4.13
CA SER B 25 0.72 -10.65 3.92
C SER B 25 1.25 -10.24 2.57
N HIS B 26 2.59 -10.19 2.47
CA HIS B 26 3.31 -9.59 1.36
C HIS B 26 4.42 -10.54 0.94
N ARG B 27 4.47 -10.89 -0.34
CA ARG B 27 5.54 -11.75 -0.85
C ARG B 27 6.85 -10.97 -0.98
N VAL B 28 7.96 -11.59 -0.60
CA VAL B 28 9.27 -10.95 -0.60
C VAL B 28 10.15 -11.65 -1.63
N HIS B 29 10.89 -10.87 -2.42
CA HIS B 29 11.97 -11.37 -3.25
C HIS B 29 13.25 -10.66 -2.85
N ALA B 30 14.34 -11.42 -2.74
CA ALA B 30 15.61 -10.83 -2.36
C ALA B 30 16.75 -11.59 -3.01
N ALA B 31 17.81 -10.86 -3.35
CA ALA B 31 19.06 -11.45 -3.84
C ALA B 31 20.24 -10.87 -3.11
N VAL B 32 21.19 -11.73 -2.71
CA VAL B 32 22.46 -11.33 -2.11
C VAL B 32 23.54 -11.91 -3.01
N VAL B 33 24.38 -11.05 -3.59
CA VAL B 33 25.30 -11.50 -4.63
C VAL B 33 26.70 -11.03 -4.29
N ASP B 34 27.70 -11.68 -4.90
CA ASP B 34 29.05 -11.22 -4.66
C ASP B 34 29.41 -10.22 -5.75
N ALA B 35 30.67 -9.76 -5.73
CA ALA B 35 31.16 -8.71 -6.62
C ALA B 35 31.11 -9.09 -8.09
N LYS B 36 31.05 -10.37 -8.41
CA LYS B 36 30.85 -10.81 -9.78
C LYS B 36 29.39 -11.14 -10.10
N GLY B 37 28.47 -10.99 -9.14
CA GLY B 37 27.07 -11.30 -9.34
C GLY B 37 26.68 -12.73 -9.01
N ARG B 38 27.61 -13.54 -8.54
CA ARG B 38 27.27 -14.87 -8.05
C ARG B 38 26.28 -14.78 -6.90
N LEU B 39 25.28 -15.65 -6.94
CA LEU B 39 24.17 -15.63 -5.99
C LEU B 39 24.55 -16.40 -4.73
N LEU B 40 24.59 -15.72 -3.58
CA LEU B 40 24.97 -16.31 -2.31
C LEU B 40 23.76 -16.69 -1.44
N TYR B 41 22.73 -15.84 -1.39
CA TYR B 41 21.54 -16.03 -0.58
C TYR B 41 20.34 -15.49 -1.35
N ALA B 42 19.15 -15.98 -1.02
CA ALA B 42 17.96 -15.60 -1.77
C ALA B 42 16.73 -15.74 -0.89
N LEU B 43 15.71 -14.96 -1.23
CA LEU B 43 14.34 -15.18 -0.82
C LEU B 43 13.47 -15.09 -2.06
N GLY B 44 12.33 -15.78 -2.00
CA GLY B 44 11.42 -15.67 -3.12
C GLY B 44 12.08 -16.08 -4.44
N ASN B 45 11.86 -15.27 -5.47
CA ASN B 45 12.50 -15.46 -6.77
C ASN B 45 13.59 -14.42 -6.95
N PRO B 46 14.86 -14.75 -6.72
CA PRO B 46 15.92 -13.74 -6.83
C PRO B 46 16.19 -13.28 -8.27
N THR B 47 15.65 -13.92 -9.31
CA THR B 47 15.84 -13.43 -10.67
C THR B 47 14.56 -12.81 -11.25
N ARG B 48 13.63 -12.40 -10.40
CA ARG B 48 12.39 -11.77 -10.83
C ARG B 48 12.69 -10.57 -11.71
N MET B 49 12.10 -10.55 -12.91
CA MET B 49 12.15 -9.36 -13.74
CA MET B 49 12.14 -9.37 -13.75
C MET B 49 11.51 -8.19 -13.00
N THR B 50 12.32 -7.15 -12.72
CA THR B 50 11.90 -6.09 -11.79
C THR B 50 12.27 -4.72 -12.33
N LEU B 51 11.31 -3.80 -12.34
CA LEU B 51 11.58 -2.39 -12.58
C LEU B 51 12.38 -1.81 -11.43
N ALA B 52 13.65 -1.47 -11.69
CA ALA B 52 14.52 -0.92 -10.67
C ALA B 52 14.06 0.46 -10.18
N ARG B 53 13.44 1.25 -11.05
CA ARG B 53 12.94 2.59 -10.67
C ARG B 53 14.14 3.37 -10.15
N SER B 54 14.02 4.18 -9.10
CA SER B 54 15.18 4.99 -8.75
C SER B 54 16.32 4.19 -8.13
N ALA B 55 16.15 2.90 -7.81
CA ALA B 55 17.34 2.13 -7.46
C ALA B 55 18.30 2.00 -8.62
N ALA B 56 17.88 2.34 -9.84
CA ALA B 56 18.78 2.43 -10.98
C ALA B 56 19.50 3.79 -11.14
N LYS B 57 19.07 4.84 -10.43
CA LYS B 57 19.69 6.16 -10.61
C LYS B 57 21.21 6.22 -10.46
N PRO B 58 21.84 5.55 -9.49
CA PRO B 58 23.32 5.54 -9.47
C PRO B 58 23.96 4.94 -10.72
N ALA B 59 23.34 3.94 -11.36
CA ALA B 59 23.86 3.45 -12.64
C ALA B 59 23.63 4.46 -13.76
N GLN B 60 22.46 5.10 -13.77
CA GLN B 60 22.26 6.15 -14.76
C GLN B 60 23.22 7.31 -14.52
N ALA B 61 23.55 7.58 -13.26
CA ALA B 61 24.47 8.68 -12.96
C ALA B 61 25.87 8.38 -13.44
N LEU B 62 26.26 7.10 -13.50
CA LEU B 62 27.57 6.76 -14.05
C LEU B 62 27.66 7.12 -15.51
N ALA B 63 26.54 7.00 -16.24
CA ALA B 63 26.54 7.44 -17.63
C ALA B 63 26.80 8.94 -17.73
N ILE B 64 26.15 9.72 -16.87
CA ILE B 64 26.44 11.16 -16.81
C ILE B 64 27.91 11.41 -16.51
N LEU B 65 28.45 10.78 -15.45
CA LEU B 65 29.83 11.06 -15.06
C LEU B 65 30.85 10.60 -16.08
N GLU B 66 30.52 9.64 -16.93
CA GLU B 66 31.43 9.21 -17.97
C GLU B 66 31.24 9.97 -19.26
N THR B 67 30.38 11.00 -19.28
CA THR B 67 30.18 11.78 -20.48
C THR B 67 31.30 12.83 -20.56
N GLU B 68 32.03 12.79 -21.67
CA GLU B 68 33.15 13.70 -21.93
C GLU B 68 32.69 15.14 -21.83
N GLY B 69 33.34 15.92 -20.96
CA GLY B 69 33.05 17.31 -20.80
C GLY B 69 32.34 17.66 -19.50
N VAL B 70 31.56 16.71 -18.95
CA VAL B 70 30.77 16.97 -17.74
C VAL B 70 31.67 17.39 -16.58
N ALA B 71 32.87 16.82 -16.49
CA ALA B 71 33.78 17.16 -15.41
C ALA B 71 34.04 18.65 -15.34
N GLY B 72 33.99 19.35 -16.49
CA GLY B 72 34.27 20.78 -16.53
C GLY B 72 33.32 21.65 -15.73
N TYR B 73 32.10 21.16 -15.46
CA TYR B 73 31.10 21.97 -14.78
C TYR B 73 31.38 22.16 -13.30
N GLY B 74 32.26 21.36 -12.71
CA GLY B 74 32.55 21.48 -11.29
C GLY B 74 31.49 20.96 -10.36
N PHE B 75 30.73 19.94 -10.76
CA PHE B 75 29.81 19.32 -9.82
C PHE B 75 30.61 18.75 -8.67
N ASP B 76 30.16 19.01 -7.44
CA ASP B 76 30.83 18.49 -6.25
C ASP B 76 30.09 17.24 -5.74
N ASP B 77 30.58 16.68 -4.63
CA ASP B 77 30.08 15.40 -4.16
C ASP B 77 28.60 15.49 -3.83
N ALA B 78 28.16 16.61 -3.24
CA ALA B 78 26.76 16.74 -2.91
C ALA B 78 25.91 16.81 -4.17
N ASP B 79 26.41 17.49 -5.21
CA ASP B 79 25.70 17.53 -6.49
C ASP B 79 25.50 16.12 -7.04
N ILE B 80 26.55 15.28 -6.94
CA ILE B 80 26.50 13.93 -7.48
C ILE B 80 25.55 13.05 -6.65
N ALA B 81 25.54 13.22 -5.31
CA ALA B 81 24.54 12.54 -4.49
C ALA B 81 23.13 12.91 -4.93
N LEU B 82 22.92 14.16 -5.34
CA LEU B 82 21.59 14.53 -5.78
C LEU B 82 21.23 13.90 -7.13
N MET B 83 22.22 13.70 -8.01
CA MET B 83 21.99 12.92 -9.22
C MET B 83 21.61 11.48 -8.92
N CYS B 84 21.98 10.96 -7.75
CA CYS B 84 21.62 9.60 -7.35
C CYS B 84 20.36 9.53 -6.51
N ALA B 85 19.64 10.63 -6.42
CA ALA B 85 18.60 10.72 -5.39
C ALA B 85 17.12 10.56 -5.74
N SER B 86 16.34 10.28 -4.68
CA SER B 86 14.87 10.37 -4.71
C SER B 86 14.65 11.31 -3.52
N HIS B 87 15.04 12.58 -3.65
CA HIS B 87 15.05 13.46 -2.49
C HIS B 87 13.63 13.87 -2.07
N SER B 88 13.56 14.47 -0.88
CA SER B 88 12.30 14.82 -0.23
C SER B 88 11.78 16.18 -0.63
N SER B 89 12.40 16.83 -1.61
CA SER B 89 12.08 18.20 -2.04
C SER B 89 12.13 19.18 -0.88
N GLU B 90 13.02 18.93 0.08
CA GLU B 90 13.32 19.96 1.07
C GLU B 90 13.91 21.18 0.37
N ASP B 91 13.90 22.32 1.06
CA ASP B 91 14.39 23.52 0.38
C ASP B 91 15.87 23.37 0.01
N ARG B 92 16.66 22.62 0.77
CA ARG B 92 18.06 22.48 0.36
C ARG B 92 18.19 21.66 -0.92
N HIS B 93 17.28 20.71 -1.17
CA HIS B 93 17.31 19.97 -2.44
C HIS B 93 16.92 20.87 -3.61
N ILE B 94 15.85 21.65 -3.44
CA ILE B 94 15.43 22.61 -4.46
C ILE B 94 16.55 23.63 -4.71
N ALA B 95 17.19 24.10 -3.65
CA ALA B 95 18.28 25.05 -3.83
C ALA B 95 19.44 24.42 -4.58
N ARG B 96 19.79 23.18 -4.25
CA ARG B 96 20.93 22.58 -4.92
C ARG B 96 20.61 22.31 -6.39
N THR B 97 19.36 21.99 -6.71
CA THR B 97 18.96 21.83 -8.09
C THR B 97 19.14 23.14 -8.88
N ARG B 98 18.73 24.28 -8.30
CA ARG B 98 18.96 25.57 -8.95
C ARG B 98 20.46 25.88 -9.08
N ALA B 99 21.26 25.54 -8.06
CA ALA B 99 22.71 25.71 -8.17
C ALA B 99 23.29 24.93 -9.34
N MET B 100 22.84 23.69 -9.52
CA MET B 100 23.36 22.84 -10.58
C MET B 100 22.91 23.37 -11.95
N LEU B 101 21.67 23.85 -12.06
CA LEU B 101 21.22 24.46 -13.30
C LEU B 101 22.10 25.65 -13.67
N SER B 102 22.44 26.48 -12.68
CA SER B 102 23.34 27.60 -12.97
C SER B 102 24.70 27.11 -13.44
N LYS B 103 25.23 26.03 -12.84
CA LYS B 103 26.55 25.58 -13.23
C LYS B 103 26.62 25.17 -14.70
N ILE B 104 25.51 24.70 -15.27
CA ILE B 104 25.49 24.33 -16.68
C ILE B 104 24.79 25.39 -17.53
N LYS B 105 24.43 26.53 -16.93
CA LYS B 105 23.78 27.64 -17.63
C LYS B 105 22.48 27.20 -18.31
N ALA B 106 21.65 26.46 -17.58
CA ALA B 106 20.30 26.09 -18.01
C ALA B 106 19.28 26.72 -17.08
N GLU B 107 18.00 26.58 -17.42
CA GLU B 107 16.92 27.14 -16.61
C GLU B 107 15.93 26.05 -16.24
N GLU B 108 15.08 26.35 -15.25
CA GLU B 108 14.10 25.35 -14.83
C GLU B 108 13.20 24.95 -15.99
N ALA B 109 12.96 25.87 -16.90
CA ALA B 109 12.12 25.56 -18.06
C ALA B 109 12.74 24.47 -18.95
N ASP B 110 14.03 24.15 -18.77
CA ASP B 110 14.68 23.10 -19.54
C ASP B 110 14.44 21.71 -18.97
N LEU B 111 13.87 21.61 -17.77
CA LEU B 111 13.56 20.31 -17.18
C LEU B 111 12.32 19.70 -17.83
N ARG B 112 12.39 18.40 -18.08
CA ARG B 112 11.26 17.64 -18.62
C ARG B 112 10.62 16.73 -17.57
N CYS B 113 10.96 16.88 -16.29
CA CYS B 113 10.32 16.18 -15.18
C CYS B 113 9.33 17.12 -14.54
N GLY B 114 8.40 16.55 -13.77
CA GLY B 114 7.28 17.32 -13.28
C GLY B 114 7.16 17.21 -11.77
N GLY B 115 6.50 18.21 -11.19
CA GLY B 115 6.29 18.21 -9.75
C GLY B 115 5.37 17.10 -9.29
N HIS B 116 5.44 16.81 -7.99
CA HIS B 116 4.57 15.82 -7.37
C HIS B 116 4.55 16.10 -5.87
N PRO B 117 3.59 15.53 -5.14
CA PRO B 117 3.63 15.66 -3.68
C PRO B 117 4.93 15.13 -3.10
N SER B 118 5.48 15.84 -2.13
CA SER B 118 6.77 15.47 -1.56
C SER B 118 6.77 14.03 -1.07
N LEU B 119 7.96 13.38 -1.13
CA LEU B 119 8.12 12.07 -0.48
C LEU B 119 8.23 12.15 1.03
N SER B 120 8.28 13.36 1.60
CA SER B 120 8.30 13.56 3.04
C SER B 120 6.97 14.13 3.48
N GLU B 121 6.34 13.48 4.45
CA GLU B 121 5.09 14.01 4.99
C GLU B 121 5.28 15.41 5.56
N MET B 122 6.41 15.65 6.22
CA MET B 122 6.65 16.95 6.84
C MET B 122 6.74 18.05 5.79
N VAL B 123 7.42 17.79 4.66
CA VAL B 123 7.51 18.78 3.59
C VAL B 123 6.14 19.01 2.97
N ASN B 124 5.44 17.93 2.68
CA ASN B 124 4.12 18.04 2.10
C ASN B 124 3.19 18.86 2.98
N ARG B 125 3.20 18.60 4.28
CA ARG B 125 2.39 19.36 5.23
C ARG B 125 2.66 20.86 5.13
N SER B 126 3.93 21.24 5.02
CA SER B 126 4.27 22.65 4.86
C SER B 126 3.75 23.17 3.52
N TRP B 127 3.93 22.41 2.44
CA TRP B 127 3.41 22.83 1.14
C TRP B 127 1.91 23.06 1.18
N ILE B 128 1.17 22.17 1.84
CA ILE B 128 -0.29 22.29 1.90
C ILE B 128 -0.70 23.57 2.62
N LYS B 129 0.00 23.90 3.71
CA LYS B 129 -0.38 25.08 4.48
C LYS B 129 -0.25 26.35 3.64
N GLN B 130 0.71 26.38 2.71
CA GLN B 130 0.95 27.55 1.87
C GLN B 130 0.29 27.45 0.51
N ASP B 131 -0.52 26.42 0.25
CA ASP B 131 -1.11 26.19 -1.07
C ASP B 131 -0.05 26.12 -2.17
N PHE B 132 1.13 25.60 -1.85
CA PHE B 132 2.22 25.52 -2.80
C PHE B 132 1.98 24.41 -3.81
N ILE B 133 2.16 24.72 -5.08
CA ILE B 133 2.02 23.75 -6.16
C ILE B 133 3.42 23.39 -6.62
N PRO B 134 3.88 22.15 -6.41
CA PRO B 134 5.24 21.78 -6.82
C PRO B 134 5.45 21.91 -8.31
N THR B 135 6.69 22.25 -8.69
CA THR B 135 7.09 22.46 -10.08
C THR B 135 8.22 21.50 -10.44
N ALA B 136 8.70 21.60 -11.69
CA ALA B 136 9.70 20.66 -12.20
C ALA B 136 10.91 20.58 -11.28
N VAL B 137 11.34 21.74 -10.76
CA VAL B 137 12.55 21.83 -9.95
C VAL B 137 12.38 21.13 -8.61
N CYS B 138 11.14 20.78 -8.24
CA CYS B 138 10.85 20.10 -6.99
C CYS B 138 10.86 18.58 -7.12
N SER B 139 10.81 18.06 -8.35
CA SER B 139 10.80 16.63 -8.60
C SER B 139 11.87 15.94 -7.77
N ASN B 140 11.50 14.78 -7.20
CA ASN B 140 12.46 14.00 -6.45
C ASN B 140 13.64 13.56 -7.29
N CYS B 141 13.52 13.64 -8.63
CA CYS B 141 14.55 13.23 -9.57
C CYS B 141 15.20 14.42 -10.26
N SER B 142 15.06 15.60 -9.67
CA SER B 142 15.50 16.83 -10.33
C SER B 142 17.01 16.86 -10.52
N GLY B 143 17.78 16.38 -9.55
CA GLY B 143 19.23 16.41 -9.72
C GLY B 143 19.69 15.46 -10.79
N HIS B 144 18.97 14.37 -10.98
CA HIS B 144 19.26 13.48 -12.08
C HIS B 144 18.93 14.11 -13.42
N HIS B 145 17.77 14.78 -13.54
CA HIS B 145 17.47 15.47 -14.77
C HIS B 145 18.48 16.57 -15.09
N VAL B 146 19.05 17.22 -14.08
CA VAL B 146 20.05 18.24 -14.40
C VAL B 146 21.32 17.57 -14.91
N GLY B 147 21.67 16.42 -14.34
CA GLY B 147 22.79 15.65 -14.86
C GLY B 147 22.63 15.29 -16.32
N MET B 148 21.43 14.81 -16.70
CA MET B 148 21.16 14.47 -18.09
C MET B 148 21.28 15.69 -19.00
N LEU B 149 20.76 16.84 -18.56
CA LEU B 149 20.96 18.08 -19.31
C LEU B 149 22.44 18.44 -19.44
N ALA B 150 23.20 18.26 -18.35
CA ALA B 150 24.63 18.55 -18.40
C ALA B 150 25.32 17.69 -19.44
N GLY B 151 25.01 16.40 -19.45
CA GLY B 151 25.61 15.51 -20.44
C GLY B 151 25.26 15.90 -21.86
N ALA B 152 23.99 16.21 -22.11
CA ALA B 152 23.58 16.63 -23.46
C ALA B 152 24.37 17.86 -23.90
N ARG B 153 24.54 18.85 -23.00
CA ARG B 153 25.25 20.06 -23.39
C ARG B 153 26.72 19.77 -23.62
N ALA B 154 27.30 18.89 -22.80
CA ALA B 154 28.73 18.63 -22.88
C ALA B 154 29.13 18.08 -24.24
N ILE B 155 28.27 17.23 -24.81
CA ILE B 155 28.63 16.58 -26.07
C ILE B 155 28.04 17.30 -27.27
N GLY B 156 27.32 18.41 -27.06
CA GLY B 156 26.78 19.18 -28.16
C GLY B 156 25.53 18.60 -28.77
N ALA B 157 24.79 17.80 -28.01
CA ALA B 157 23.57 17.15 -28.50
C ALA B 157 22.37 18.07 -28.50
N GLY B 158 22.31 19.03 -27.57
CA GLY B 158 21.14 19.87 -27.46
C GLY B 158 20.23 19.38 -26.35
N THR B 159 19.61 20.33 -25.63
CA THR B 159 18.84 20.02 -24.44
C THR B 159 17.42 19.57 -24.77
N ASP B 160 16.84 20.05 -25.87
CA ASP B 160 15.54 19.54 -26.32
C ASP B 160 15.61 18.01 -26.44
N GLY B 161 14.68 17.33 -25.77
CA GLY B 161 14.54 15.89 -25.91
C GLY B 161 15.58 15.04 -25.19
N TYR B 162 16.36 15.60 -24.25
CA TYR B 162 17.31 14.78 -23.49
C TYR B 162 16.66 13.57 -22.84
N HIS B 163 15.36 13.64 -22.58
CA HIS B 163 14.63 12.60 -21.89
C HIS B 163 14.07 11.53 -22.81
N LEU B 164 14.24 11.68 -24.13
CA LEU B 164 13.68 10.77 -25.12
C LEU B 164 14.69 9.68 -25.47
N PRO B 165 14.24 8.44 -25.74
CA PRO B 165 15.19 7.35 -26.03
C PRO B 165 16.11 7.57 -27.22
N ASP B 166 15.69 8.35 -28.23
CA ASP B 166 16.58 8.56 -29.38
C ASP B 166 17.72 9.52 -29.08
N HIS B 167 17.68 10.22 -27.95
CA HIS B 167 18.72 11.18 -27.63
C HIS B 167 20.02 10.45 -27.29
N PRO B 168 21.19 11.00 -27.65
CA PRO B 168 22.45 10.31 -27.29
C PRO B 168 22.66 10.06 -25.81
N MET B 169 22.15 10.93 -24.93
CA MET B 169 22.27 10.62 -23.51
C MET B 169 21.52 9.35 -23.14
N GLN B 170 20.35 9.11 -23.76
CA GLN B 170 19.62 7.89 -23.41
C GLN B 170 20.27 6.67 -24.04
N GLY B 171 20.87 6.80 -25.22
CA GLY B 171 21.70 5.74 -25.73
C GLY B 171 22.82 5.40 -24.75
N ARG B 172 23.47 6.41 -24.18
CA ARG B 172 24.54 6.13 -23.24
C ARG B 172 24.00 5.46 -21.96
N VAL B 173 22.88 5.94 -21.44
CA VAL B 173 22.29 5.32 -20.26
C VAL B 173 21.96 3.85 -20.51
N LYS B 174 21.29 3.56 -21.64
CA LYS B 174 20.87 2.18 -21.91
C LYS B 174 22.07 1.24 -21.99
N ARG B 175 23.11 1.66 -22.71
CA ARG B 175 24.33 0.86 -22.79
CA ARG B 175 24.33 0.87 -22.80
C ARG B 175 24.93 0.62 -21.41
N THR B 176 25.03 1.69 -20.61
CA THR B 176 25.73 1.59 -19.32
C THR B 176 24.99 0.68 -18.34
N VAL B 177 23.67 0.76 -18.32
CA VAL B 177 22.87 -0.09 -17.44
C VAL B 177 23.09 -1.55 -17.79
N ALA B 178 22.96 -1.90 -19.07
CA ALA B 178 23.18 -3.29 -19.50
C ALA B 178 24.60 -3.77 -19.20
N GLU B 179 25.59 -2.90 -19.40
CA GLU B 179 26.98 -3.27 -19.09
C GLU B 179 27.16 -3.55 -17.61
N LEU B 180 26.66 -2.65 -16.75
CA LEU B 180 26.79 -2.89 -15.31
C LEU B 180 26.07 -4.15 -14.88
N CYS B 181 24.93 -4.47 -15.52
CA CYS B 181 24.23 -5.72 -15.22
C CYS B 181 24.91 -6.96 -15.81
N ASP B 182 25.85 -6.76 -16.74
CA ASP B 182 26.42 -7.84 -17.58
C ASP B 182 25.36 -8.56 -18.41
N LEU B 183 24.44 -7.78 -18.99
CA LEU B 183 23.33 -8.31 -19.77
C LEU B 183 23.43 -7.81 -21.19
N ASP B 184 22.94 -8.60 -22.15
CA ASP B 184 22.72 -8.06 -23.47
C ASP B 184 21.57 -7.06 -23.45
N ALA B 185 21.58 -6.15 -24.42
CA ALA B 185 20.55 -5.12 -24.49
C ALA B 185 19.14 -5.72 -24.46
N GLY B 186 18.92 -6.79 -25.22
CA GLY B 186 17.58 -7.34 -25.27
C GLY B 186 17.12 -7.95 -23.97
N ASP B 187 18.01 -8.13 -22.99
CA ASP B 187 17.64 -8.65 -21.68
C ASP B 187 17.29 -7.56 -20.65
N VAL B 188 17.42 -6.28 -21.03
CA VAL B 188 16.92 -5.15 -20.23
C VAL B 188 15.72 -4.59 -20.95
N GLU B 189 14.58 -4.52 -20.26
CA GLU B 189 13.38 -3.90 -20.80
C GLU B 189 13.23 -2.49 -20.24
N TRP B 190 12.50 -1.63 -20.98
CA TRP B 190 12.42 -0.21 -20.66
C TRP B 190 10.98 0.28 -20.67
N GLY B 191 10.58 0.97 -19.60
CA GLY B 191 9.30 1.66 -19.54
C GLY B 191 9.51 3.14 -19.37
N THR B 192 8.49 3.89 -18.99
CA THR B 192 8.60 5.34 -18.78
C THR B 192 8.33 5.63 -17.31
N ASP B 193 9.22 6.41 -16.69
CA ASP B 193 9.19 6.62 -15.24
C ASP B 193 8.21 7.72 -14.88
N GLY B 194 8.01 7.89 -13.56
CA GLY B 194 7.20 9.01 -13.09
C GLY B 194 7.77 10.37 -13.41
N CYS B 195 9.11 10.49 -13.49
CA CYS B 195 9.76 11.74 -13.86
C CYS B 195 9.90 11.93 -15.36
N ASN B 196 9.38 10.99 -16.18
CA ASN B 196 9.26 11.07 -17.63
C ASN B 196 10.55 10.71 -18.39
N LEU B 197 11.48 9.96 -17.74
CA LEU B 197 12.68 9.38 -18.34
C LEU B 197 12.48 7.90 -18.60
N PRO B 198 13.22 7.31 -19.52
CA PRO B 198 13.19 5.84 -19.63
C PRO B 198 13.66 5.23 -18.31
N THR B 199 13.02 4.13 -17.91
CA THR B 199 13.44 3.45 -16.69
C THR B 199 13.57 1.96 -16.94
N PRO B 200 14.62 1.31 -16.45
CA PRO B 200 14.90 -0.08 -16.85
C PRO B 200 14.28 -1.14 -15.95
N ALA B 201 14.05 -2.32 -16.56
CA ALA B 201 13.67 -3.51 -15.80
C ALA B 201 14.67 -4.61 -16.15
N PHE B 202 15.08 -5.38 -15.15
CA PHE B 202 15.99 -6.50 -15.39
C PHE B 202 15.88 -7.45 -14.20
N PRO B 203 16.49 -8.64 -14.26
CA PRO B 203 16.36 -9.57 -13.14
C PRO B 203 16.89 -8.97 -11.83
N LEU B 204 16.18 -9.28 -10.73
CA LEU B 204 16.42 -8.59 -9.47
C LEU B 204 17.88 -8.77 -9.02
N ASP B 205 18.45 -9.94 -9.26
CA ASP B 205 19.81 -10.17 -8.78
C ASP B 205 20.80 -9.24 -9.46
N ARG B 206 20.53 -8.83 -10.71
CA ARG B 206 21.45 -7.92 -11.37
C ARG B 206 21.40 -6.51 -10.76
N LEU B 207 20.28 -6.14 -10.10
CA LEU B 207 20.27 -4.95 -9.26
C LEU B 207 21.25 -5.09 -8.11
N GLY B 208 21.23 -6.23 -7.43
CA GLY B 208 22.27 -6.50 -6.44
C GLY B 208 23.66 -6.42 -7.06
N ARG B 209 23.79 -6.86 -8.32
CA ARG B 209 25.10 -6.90 -8.92
C ARG B 209 25.65 -5.48 -9.15
N ILE B 210 24.79 -4.56 -9.56
CA ILE B 210 25.20 -3.17 -9.72
C ILE B 210 25.74 -2.61 -8.42
N TYR B 211 25.07 -2.91 -7.31
CA TYR B 211 25.52 -2.32 -6.06
C TYR B 211 26.72 -3.07 -5.47
N ALA B 212 26.87 -4.36 -5.75
CA ALA B 212 28.13 -5.01 -5.39
C ALA B 212 29.31 -4.40 -6.16
N LYS B 213 29.08 -3.96 -7.40
CA LYS B 213 30.18 -3.33 -8.12
C LYS B 213 30.47 -1.93 -7.59
N LEU B 214 29.45 -1.19 -7.14
CA LEU B 214 29.68 0.12 -6.53
C LEU B 214 30.57 -0.01 -5.30
N ALA B 215 30.23 -0.94 -4.43
CA ALA B 215 30.97 -1.10 -3.19
C ALA B 215 32.36 -1.68 -3.45
N SER B 216 32.48 -2.55 -4.44
CA SER B 216 33.79 -3.09 -4.81
C SER B 216 34.71 -1.99 -5.30
N ALA B 217 34.18 -1.10 -6.14
CA ALA B 217 34.96 0.03 -6.61
C ALA B 217 35.40 0.93 -5.45
N ALA B 218 34.51 1.13 -4.48
CA ALA B 218 34.88 1.86 -3.27
C ALA B 218 36.05 1.17 -2.55
N ASP B 219 36.01 -0.16 -2.44
CA ASP B 219 37.14 -0.86 -1.82
C ASP B 219 38.42 -0.70 -2.64
N GLY B 220 38.33 -0.78 -3.96
CA GLY B 220 39.55 -0.65 -4.75
C GLY B 220 40.16 0.73 -4.62
N SER B 221 39.31 1.76 -4.53
CA SER B 221 39.79 3.12 -4.41
C SER B 221 40.44 3.36 -3.06
N ASP B 222 39.75 2.95 -1.98
CA ASP B 222 40.28 3.12 -0.62
C ASP B 222 41.62 2.44 -0.45
N ALA B 223 41.85 1.33 -1.16
CA ALA B 223 43.08 0.55 -1.10
C ALA B 223 44.22 1.15 -1.93
N GLY B 224 43.98 2.23 -2.67
CA GLY B 224 45.03 2.79 -3.49
C GLY B 224 45.31 2.04 -4.77
N GLU B 225 44.41 1.14 -5.16
CA GLU B 225 44.59 0.36 -6.37
C GLU B 225 44.36 1.21 -7.62
N GLY B 226 45.21 1.02 -8.62
CA GLY B 226 44.91 1.57 -9.93
C GLY B 226 43.57 1.04 -10.43
N GLN B 227 42.79 1.94 -11.04
CA GLN B 227 41.41 1.64 -11.41
C GLN B 227 41.16 2.15 -12.83
N SER B 228 40.30 1.42 -13.54
CA SER B 228 39.81 1.94 -14.80
C SER B 228 39.05 3.24 -14.55
N THR B 229 38.85 4.01 -15.62
CA THR B 229 38.00 5.19 -15.46
C THR B 229 36.62 4.81 -14.90
N ARG B 230 36.06 3.65 -15.30
CA ARG B 230 34.72 3.28 -14.83
C ARG B 230 34.73 2.94 -13.35
N CYS B 231 35.70 2.15 -12.90
CA CYS B 231 35.76 1.83 -11.48
C CYS B 231 36.01 3.10 -10.66
N ALA B 232 36.86 4.01 -11.15
CA ALA B 232 37.05 5.27 -10.44
C ALA B 232 35.73 6.04 -10.34
N ALA B 233 34.94 6.04 -11.42
CA ALA B 233 33.66 6.75 -11.38
C ALA B 233 32.65 6.07 -10.46
N LEU B 234 32.66 4.73 -10.41
CA LEU B 234 31.79 4.03 -9.47
C LEU B 234 32.21 4.31 -8.02
N ALA B 235 33.52 4.40 -7.76
CA ALA B 235 33.96 4.70 -6.40
C ALA B 235 33.54 6.12 -6.01
N HIS B 236 33.59 7.04 -6.96
CA HIS B 236 33.10 8.40 -6.73
C HIS B 236 31.61 8.42 -6.40
N ILE B 237 30.80 7.62 -7.11
CA ILE B 237 29.37 7.57 -6.80
C ILE B 237 29.16 7.01 -5.39
N PHE B 238 29.82 5.90 -5.08
CA PHE B 238 29.68 5.35 -3.73
C PHE B 238 30.03 6.42 -2.68
N ARG B 239 31.19 7.04 -2.82
CA ARG B 239 31.62 8.01 -1.83
C ARG B 239 30.65 9.19 -1.73
N ALA B 240 30.17 9.70 -2.87
CA ALA B 240 29.21 10.81 -2.85
C ALA B 240 27.94 10.45 -2.08
N MET B 241 27.39 9.25 -2.33
CA MET B 241 26.16 8.84 -1.64
C MET B 241 26.41 8.70 -0.15
N ALA B 242 27.53 8.08 0.22
CA ALA B 242 27.76 7.81 1.64
C ALA B 242 28.12 9.08 2.40
N ARG B 243 28.73 10.07 1.74
CA ARG B 243 29.07 11.29 2.46
C ARG B 243 27.93 12.30 2.49
N HIS B 244 26.98 12.21 1.57
CA HIS B 244 25.87 13.15 1.51
C HIS B 244 24.56 12.39 1.42
N PRO B 245 24.31 11.50 2.37
CA PRO B 245 23.10 10.68 2.26
C PRO B 245 21.82 11.48 2.40
N GLU B 246 21.88 12.67 2.94
CA GLU B 246 20.66 13.46 3.02
C GLU B 246 20.31 14.08 1.67
N MET B 247 21.29 14.18 0.77
CA MET B 247 20.97 14.56 -0.60
C MET B 247 20.30 13.42 -1.33
N VAL B 248 20.63 12.18 -0.97
CA VAL B 248 20.04 11.03 -1.62
C VAL B 248 18.57 10.87 -1.24
N ALA B 249 18.17 11.27 -0.03
CA ALA B 249 16.76 11.17 0.34
C ALA B 249 16.33 12.39 1.13
N GLY B 250 16.56 12.40 2.45
CA GLY B 250 16.26 13.57 3.25
C GLY B 250 16.06 13.20 4.70
N GLU B 251 15.69 14.19 5.51
CA GLU B 251 15.60 13.90 6.93
C GLU B 251 14.47 12.91 7.23
N GLY B 252 14.72 12.00 8.17
CA GLY B 252 13.75 10.97 8.49
C GLY B 252 13.57 9.87 7.47
N ARG B 253 14.21 9.97 6.30
CA ARG B 253 14.04 8.99 5.24
C ARG B 253 14.94 7.77 5.48
N TYR B 254 14.45 6.59 5.09
CA TYR B 254 15.17 5.34 5.35
C TYR B 254 16.59 5.34 4.77
N CYS B 255 16.74 5.71 3.47
CA CYS B 255 18.07 5.69 2.86
C CYS B 255 19.06 6.56 3.63
N THR B 256 18.62 7.76 4.03
CA THR B 256 19.48 8.68 4.77
C THR B 256 19.85 8.11 6.14
N MET B 257 18.87 7.53 6.83
CA MET B 257 19.16 7.01 8.17
C MET B 257 19.99 5.75 8.10
N LEU B 258 19.72 4.89 7.12
CA LEU B 258 20.54 3.70 6.92
C LEU B 258 22.01 4.05 6.66
N MET B 259 22.28 4.92 5.67
CA MET B 259 23.67 5.29 5.36
C MET B 259 24.32 6.09 6.48
N ARG B 260 23.58 6.94 7.19
CA ARG B 260 24.23 7.59 8.33
C ARG B 260 24.62 6.58 9.39
N ALA B 261 23.75 5.59 9.63
CA ALA B 261 24.02 4.60 10.68
C ALA B 261 25.30 3.82 10.38
N PHE B 262 25.53 3.48 9.12
CA PHE B 262 26.68 2.64 8.76
C PHE B 262 27.93 3.43 8.42
N ASP B 263 27.80 4.75 8.27
CA ASP B 263 28.94 5.65 8.32
C ASP B 263 30.06 5.20 7.35
N GLY B 264 29.69 5.03 6.09
CA GLY B 264 30.64 4.68 5.06
C GLY B 264 30.68 3.21 4.70
N ALA B 265 30.12 2.33 5.53
CA ALA B 265 30.26 0.90 5.29
C ALA B 265 29.40 0.39 4.13
N LEU B 266 28.36 1.14 3.72
CA LEU B 266 27.48 0.69 2.64
C LEU B 266 26.74 1.89 2.11
N VAL B 267 26.13 1.71 0.94
CA VAL B 267 25.13 2.66 0.43
C VAL B 267 23.84 1.89 0.16
N GLY B 268 22.72 2.61 0.29
CA GLY B 268 21.41 2.03 0.01
C GLY B 268 20.58 3.02 -0.76
N LYS B 269 19.63 2.50 -1.52
CA LYS B 269 18.82 3.35 -2.38
C LYS B 269 17.46 2.70 -2.62
N LEU B 270 16.41 3.49 -2.45
CA LEU B 270 15.03 3.11 -2.73
C LEU B 270 14.67 3.17 -4.22
N GLY B 271 13.85 2.22 -4.68
CA GLY B 271 13.09 2.38 -5.91
C GLY B 271 11.61 2.43 -5.63
N ALA B 272 10.88 3.29 -6.36
CA ALA B 272 9.45 3.39 -6.14
C ALA B 272 8.79 2.05 -6.37
N ASP B 273 7.63 1.85 -5.71
CA ASP B 273 6.92 0.55 -5.68
C ASP B 273 7.73 -0.57 -5.04
N ALA B 274 8.57 -0.18 -4.08
CA ALA B 274 9.11 -1.08 -3.05
C ALA B 274 10.18 -2.01 -3.61
N SER B 275 11.18 -1.42 -4.27
CA SER B 275 12.45 -2.10 -4.46
CA SER B 275 12.45 -2.11 -4.46
C SER B 275 13.52 -1.40 -3.62
N TYR B 276 14.57 -2.16 -3.30
CA TYR B 276 15.67 -1.63 -2.49
C TYR B 276 16.99 -2.27 -2.94
N ALA B 277 18.07 -1.49 -2.89
CA ALA B 277 19.39 -2.01 -3.24
C ALA B 277 20.44 -1.49 -2.27
N ILE B 278 21.40 -2.37 -1.93
CA ILE B 278 22.47 -2.10 -0.96
C ILE B 278 23.79 -2.65 -1.49
N GLY B 279 24.82 -1.80 -1.49
CA GLY B 279 26.16 -2.23 -1.83
C GLY B 279 26.99 -2.15 -0.57
N VAL B 280 27.61 -3.27 -0.18
CA VAL B 280 28.26 -3.45 1.12
C VAL B 280 29.75 -3.62 0.89
N ARG B 281 30.55 -2.72 1.44
CA ARG B 281 31.99 -2.87 1.30
C ARG B 281 32.45 -4.10 2.06
N ALA B 282 33.56 -4.67 1.62
CA ALA B 282 34.09 -5.86 2.27
C ALA B 282 34.40 -5.61 3.75
N SER B 283 34.08 -6.60 4.59
CA SER B 283 34.11 -6.46 6.03
C SER B 283 34.14 -7.84 6.67
N ASP B 284 34.32 -7.88 8.00
CA ASP B 284 34.20 -9.15 8.70
C ASP B 284 32.86 -9.79 8.39
N ALA B 285 31.79 -8.97 8.32
CA ALA B 285 30.46 -9.50 8.03
C ALA B 285 30.38 -10.17 6.65
N THR B 286 30.90 -9.51 5.59
CA THR B 286 30.86 -10.14 4.27
C THR B 286 31.70 -11.42 4.24
N ARG B 287 32.84 -11.42 4.95
CA ARG B 287 33.69 -12.61 4.95
CA ARG B 287 33.69 -12.60 4.95
C ARG B 287 33.01 -13.78 5.65
N GLN B 288 32.34 -13.53 6.78
CA GLN B 288 31.58 -14.59 7.44
C GLN B 288 30.48 -15.13 6.53
N LEU B 289 29.95 -14.30 5.61
CA LEU B 289 28.93 -14.73 4.68
C LEU B 289 29.50 -15.54 3.52
N GLY B 290 30.81 -15.69 3.45
CA GLY B 290 31.42 -16.58 2.49
C GLY B 290 31.95 -15.96 1.20
N THR B 291 32.29 -14.67 1.20
CA THR B 291 32.91 -14.05 0.03
C THR B 291 34.07 -13.18 0.47
N ASP B 292 35.08 -13.10 -0.40
CA ASP B 292 36.30 -12.35 -0.13
C ASP B 292 36.23 -10.91 -0.62
N GLY B 293 35.12 -10.47 -1.22
CA GLY B 293 35.02 -9.12 -1.72
C GLY B 293 33.78 -8.43 -1.18
N ALA B 294 33.30 -7.46 -1.97
CA ALA B 294 32.11 -6.69 -1.60
C ALA B 294 30.85 -7.51 -1.87
N LEU B 295 29.72 -6.96 -1.47
CA LEU B 295 28.46 -7.69 -1.52
C LEU B 295 27.38 -6.74 -2.00
N GLY B 296 26.40 -7.28 -2.73
CA GLY B 296 25.19 -6.53 -3.09
C GLY B 296 23.93 -7.23 -2.64
N ILE B 297 22.95 -6.43 -2.23
CA ILE B 297 21.65 -6.93 -1.79
C ILE B 297 20.56 -6.20 -2.57
N SER B 298 19.56 -6.94 -3.07
CA SER B 298 18.41 -6.30 -3.71
C SER B 298 17.13 -6.98 -3.27
N VAL B 299 16.07 -6.18 -3.13
CA VAL B 299 14.83 -6.61 -2.49
C VAL B 299 13.67 -6.05 -3.31
N LYS B 300 12.58 -6.82 -3.44
CA LYS B 300 11.33 -6.32 -4.01
C LYS B 300 10.17 -6.90 -3.20
N ILE B 301 9.24 -6.05 -2.75
CA ILE B 301 7.98 -6.51 -2.17
C ILE B 301 6.99 -6.60 -3.34
N GLU B 302 6.43 -7.80 -3.57
CA GLU B 302 5.66 -8.07 -4.78
C GLU B 302 4.55 -7.05 -5.00
N ASP B 303 3.85 -6.68 -3.95
CA ASP B 303 2.65 -5.84 -4.03
C ASP B 303 2.96 -4.35 -3.91
N GLY B 304 4.21 -3.99 -3.69
CA GLY B 304 4.66 -2.60 -3.73
C GLY B 304 4.62 -1.81 -2.44
N ASN B 305 4.45 -2.48 -1.28
CA ASN B 305 4.28 -1.80 0.01
C ASN B 305 5.62 -1.34 0.60
N LEU B 306 5.79 -0.02 0.77
CA LEU B 306 7.06 0.55 1.22
C LEU B 306 7.33 0.28 2.70
N GLU B 307 6.32 0.43 3.57
CA GLU B 307 6.52 0.13 4.99
C GLU B 307 7.05 -1.29 5.17
N MET B 308 6.45 -2.26 4.46
CA MET B 308 6.95 -3.63 4.52
C MET B 308 8.35 -3.76 3.93
N LEU B 309 8.68 -2.98 2.89
CA LEU B 309 10.02 -3.03 2.34
C LEU B 309 11.07 -2.67 3.38
N TYR B 310 10.88 -1.55 4.08
CA TYR B 310 11.88 -1.10 5.04
C TYR B 310 11.99 -2.08 6.21
N ALA B 311 10.87 -2.66 6.65
CA ALA B 311 10.90 -3.70 7.68
C ALA B 311 11.75 -4.89 7.24
N VAL B 312 11.48 -5.37 6.02
CA VAL B 312 12.15 -6.55 5.46
C VAL B 312 13.63 -6.29 5.24
N VAL B 313 13.99 -5.13 4.65
CA VAL B 313 15.40 -4.82 4.43
C VAL B 313 16.13 -4.81 5.76
N THR B 314 15.53 -4.21 6.79
CA THR B 314 16.21 -4.13 8.09
C THR B 314 16.34 -5.52 8.73
N GLU B 315 15.31 -6.35 8.61
CA GLU B 315 15.39 -7.71 9.11
C GLU B 315 16.45 -8.50 8.34
N LEU B 316 16.58 -8.21 7.04
CA LEU B 316 17.56 -8.91 6.22
C LEU B 316 18.98 -8.54 6.64
N LEU B 317 19.24 -7.27 6.93
CA LEU B 317 20.56 -6.89 7.41
C LEU B 317 20.87 -7.58 8.74
N GLU B 318 19.89 -7.68 9.61
CA GLU B 318 20.10 -8.43 10.84
C GLU B 318 20.41 -9.90 10.56
N ARG B 319 19.65 -10.55 9.65
CA ARG B 319 19.91 -11.97 9.42
C ARG B 319 21.27 -12.22 8.77
N LEU B 320 21.76 -11.28 7.96
CA LEU B 320 23.08 -11.42 7.34
C LEU B 320 24.21 -10.96 8.26
N GLY B 321 23.88 -10.44 9.44
CA GLY B 321 24.89 -10.00 10.39
C GLY B 321 25.60 -8.72 9.99
N ILE B 322 24.95 -7.84 9.23
CA ILE B 322 25.60 -6.66 8.71
C ILE B 322 25.30 -5.51 9.66
N GLY B 323 26.36 -4.89 10.19
CA GLY B 323 26.21 -3.89 11.21
C GLY B 323 26.16 -4.51 12.60
N SER B 324 26.11 -3.66 13.56
CA SER B 324 26.00 -4.05 14.94
C SER B 324 24.57 -3.90 15.41
N PRO B 325 24.18 -4.55 16.52
CA PRO B 325 22.85 -4.28 17.09
C PRO B 325 22.62 -2.79 17.32
N ASP B 326 23.68 -2.05 17.64
CA ASP B 326 23.59 -0.63 17.97
C ASP B 326 23.50 0.23 16.72
N VAL B 327 24.28 -0.10 15.68
CA VAL B 327 24.09 0.52 14.37
C VAL B 327 22.65 0.31 13.89
N ARG B 328 22.24 -0.95 13.79
CA ARG B 328 20.91 -1.24 13.24
C ARG B 328 19.77 -0.76 14.14
N SER B 329 20.00 -0.58 15.45
CA SER B 329 18.92 -0.09 16.28
C SER B 329 18.49 1.34 15.91
N GLN B 330 19.32 2.07 15.17
CA GLN B 330 18.91 3.37 14.66
C GLN B 330 17.73 3.24 13.70
N LEU B 331 17.49 2.04 13.17
CA LEU B 331 16.42 1.79 12.20
C LEU B 331 15.23 1.03 12.82
N ALA B 332 15.16 0.98 14.15
CA ALA B 332 14.18 0.16 14.85
C ALA B 332 12.75 0.55 14.52
N SER B 333 12.49 1.83 14.28
CA SER B 333 11.13 2.22 13.92
C SER B 333 10.71 1.66 12.56
N PHE B 334 11.67 1.45 11.65
CA PHE B 334 11.39 0.80 10.38
C PHE B 334 11.31 -0.71 10.52
N HIS B 335 12.16 -1.30 11.38
CA HIS B 335 12.26 -2.75 11.48
C HIS B 335 10.95 -3.36 12.00
N HIS B 336 10.35 -2.75 12.99
CA HIS B 336 9.14 -3.28 13.64
C HIS B 336 8.14 -2.13 13.68
N PRO B 337 7.41 -1.90 12.59
CA PRO B 337 6.51 -0.74 12.51
C PRO B 337 5.50 -0.74 13.66
N GLN B 338 5.26 0.46 14.19
CA GLN B 338 4.22 0.70 15.19
C GLN B 338 2.87 0.20 14.69
N ARG B 339 2.19 -0.59 15.52
CA ARG B 339 0.79 -0.94 15.25
C ARG B 339 -0.06 -0.52 16.46
N VAL B 340 -0.39 0.78 16.52
CA VAL B 340 -1.02 1.41 17.68
C VAL B 340 -2.29 2.14 17.24
N ASN B 341 -3.42 1.86 17.90
CA ASN B 341 -4.70 2.35 17.41
C ASN B 341 -4.88 3.82 17.85
N THR B 342 -6.08 4.38 17.66
CA THR B 342 -6.29 5.81 17.90
C THR B 342 -6.35 6.17 19.38
N MET B 343 -6.35 5.19 20.29
CA MET B 343 -6.34 5.45 21.72
C MET B 343 -5.04 4.96 22.36
N GLY B 344 -4.02 4.74 21.54
CA GLY B 344 -2.70 4.41 22.03
C GLY B 344 -2.52 3.00 22.50
N VAL B 345 -3.42 2.10 22.12
CA VAL B 345 -3.26 0.67 22.43
C VAL B 345 -2.54 -0.01 21.28
N THR B 346 -1.54 -0.83 21.61
CA THR B 346 -0.88 -1.66 20.60
C THR B 346 -1.84 -2.77 20.19
N THR B 347 -2.15 -2.87 18.88
CA THR B 347 -3.12 -3.82 18.37
C THR B 347 -2.50 -4.97 17.60
N GLY B 348 -1.21 -4.93 17.30
CA GLY B 348 -0.60 -6.03 16.58
C GLY B 348 0.83 -5.70 16.21
N GLY B 349 1.34 -6.39 15.19
CA GLY B 349 2.70 -6.12 14.76
C GLY B 349 3.05 -6.79 13.42
N VAL B 350 4.35 -6.83 13.16
CA VAL B 350 4.91 -7.36 11.91
CA VAL B 350 4.91 -7.36 11.92
C VAL B 350 5.72 -8.60 12.25
N SER B 351 5.66 -9.61 11.39
CA SER B 351 6.52 -10.77 11.57
C SER B 351 7.09 -11.18 10.21
N PHE B 352 8.13 -12.02 10.24
CA PHE B 352 8.96 -12.30 9.07
C PHE B 352 9.07 -13.80 8.82
N PRO B 353 7.95 -14.47 8.51
CA PRO B 353 8.05 -15.90 8.18
C PRO B 353 8.61 -16.09 6.78
N PHE B 354 9.89 -15.75 6.62
CA PHE B 354 10.64 -16.14 5.44
C PHE B 354 11.93 -16.77 5.92
N LYS B 355 12.58 -17.48 5.03
CA LYS B 355 13.73 -18.29 5.38
C LYS B 355 14.80 -18.03 4.34
N LEU B 356 15.89 -17.40 4.76
CA LEU B 356 16.98 -17.16 3.84
C LEU B 356 17.51 -18.49 3.35
N ARG B 357 17.80 -18.59 2.07
CA ARG B 357 18.41 -19.84 1.63
C ARG B 357 19.73 -19.53 0.92
N GLY B 358 20.73 -20.39 1.14
CA GLY B 358 22.03 -20.29 0.48
C GLY B 358 22.15 -21.24 -0.70
N ASP B 364 19.27 -28.51 4.55
CA ASP B 364 18.22 -29.01 3.68
C ASP B 364 18.58 -30.37 3.08
N ASP B 365 17.60 -31.29 3.08
CA ASP B 365 17.73 -32.52 2.31
C ASP B 365 17.94 -32.19 0.84
N PRO B 366 18.88 -32.85 0.13
CA PRO B 366 19.02 -32.60 -1.31
C PRO B 366 17.70 -32.69 -2.10
N ARG B 367 16.72 -33.46 -1.60
CA ARG B 367 15.43 -33.64 -2.26
C ARG B 367 14.44 -32.50 -2.01
N LEU B 368 14.82 -31.52 -1.21
CA LEU B 368 13.93 -30.34 -1.05
C LEU B 368 14.20 -29.37 -2.20
N ALA B 369 13.26 -29.24 -3.12
CA ALA B 369 13.43 -28.33 -4.28
C ALA B 369 13.15 -26.87 -3.89
N ALA B 370 14.04 -25.97 -4.27
CA ALA B 370 13.87 -24.53 -4.04
C ALA B 370 13.45 -23.87 -5.35
N VAL B 371 12.14 -23.96 -5.64
CA VAL B 371 11.57 -23.42 -6.87
C VAL B 371 11.38 -21.91 -6.69
N ALA B 372 12.22 -21.12 -7.38
CA ALA B 372 12.13 -19.67 -7.33
C ALA B 372 10.70 -19.21 -7.68
N ARG B 373 10.00 -18.67 -6.70
CA ARG B 373 8.61 -18.21 -6.90
C ARG B 373 8.39 -16.97 -6.03
C1 EDO C . -3.48 -15.88 5.86
O1 EDO C . -3.38 -15.25 4.58
C2 EDO C . -4.90 -16.37 6.12
O2 EDO C . -5.58 -15.36 6.89
C1 EDO D . -13.22 4.42 30.39
O1 EDO D . -14.57 4.44 29.88
C2 EDO D . -12.55 3.09 30.03
O2 EDO D . -13.19 2.03 30.78
C1 EDO E . -23.26 6.88 32.90
O1 EDO E . -23.18 5.47 33.17
C2 EDO E . -24.73 7.23 32.66
O2 EDO E . -25.33 6.20 31.87
C1 EDO F . -4.58 -16.61 2.10
O1 EDO F . -3.74 -16.08 1.04
C2 EDO F . -5.12 -17.96 1.63
O2 EDO F . -5.92 -18.47 2.69
N ASN G . -12.93 -0.37 11.80
CA ASN G . -11.66 0.14 11.29
C ASN G . -10.82 0.72 12.41
O ASN G . -11.30 1.27 13.40
CB ASN G . -11.91 1.19 10.19
CG ASN G . -12.43 0.53 8.93
OD1 ASN G . -12.44 -0.70 8.84
ND2 ASN G . -12.89 1.35 7.94
OXT ASN G . -9.63 0.60 12.31
C1 EDO H . -9.54 11.42 -2.52
O1 EDO H . -9.81 11.92 -3.84
C2 EDO H . -9.71 12.58 -1.55
O2 EDO H . -11.11 12.75 -1.31
C1 EDO I . -29.68 -15.84 10.95
O1 EDO I . -29.29 -14.46 10.81
C2 EDO I . -29.51 -16.26 12.41
O2 EDO I . -30.12 -15.22 13.21
CL CL J . 3.96 7.10 -13.26
CD CD K . -13.87 0.84 13.86
C1 EDO L . -3.15 -6.51 20.56
O1 EDO L . -2.08 -7.32 19.98
C2 EDO L . -4.10 -7.19 21.53
O2 EDO L . -4.87 -8.24 20.90
C1 EDO M . 0.75 -15.83 5.34
O1 EDO M . 1.91 -16.68 5.35
C2 EDO M . -0.38 -16.44 4.52
O2 EDO M . 0.08 -16.73 3.20
C1 EDO N . 28.14 -13.94 -15.34
O1 EDO N . 27.02 -13.45 -16.10
C2 EDO N . 27.59 -14.91 -14.32
O2 EDO N . 26.29 -14.43 -13.93
C1 EDO O . 35.92 9.45 -4.79
O1 EDO O . 36.14 10.21 -5.98
C2 EDO O . 36.47 8.03 -4.85
O2 EDO O . 36.47 7.42 -3.54
C1 EDO P . 31.49 -2.53 -16.69
O1 EDO P . 30.87 -3.11 -15.51
C2 EDO P . 31.25 -3.33 -17.97
O2 EDO P . 30.75 -4.68 -17.70
C1 EDO Q . 32.46 17.52 -1.32
O1 EDO Q . 32.86 17.90 -2.65
C2 EDO Q . 31.20 18.29 -0.83
O2 EDO Q . 30.15 18.40 -1.82
C1 EDO R . 20.64 23.36 -27.49
O1 EDO R . 21.13 23.51 -26.15
C2 EDO R . 19.11 23.28 -27.52
O2 EDO R . 18.64 22.00 -27.98
N ASN S . 12.25 7.17 -10.30
CA ASN S . 10.89 7.13 -9.77
C ASN S . 9.90 7.94 -10.59
O ASN S . 8.74 7.62 -10.61
CB ASN S . 10.89 7.61 -8.31
CG ASN S . 11.58 6.61 -7.39
OD1 ASN S . 11.69 5.44 -7.74
ND2 ASN S . 12.07 7.08 -6.22
OXT ASN S . 10.23 8.93 -11.24
C1 EDO T . 6.86 10.20 -7.96
O1 EDO T . 6.39 10.55 -9.28
C2 EDO T . 7.33 8.72 -7.92
O2 EDO T . 7.78 8.41 -6.58
CL CL U . -4.59 -0.05 14.85
CD CD V . 12.74 9.11 -11.81
#